data_8HNK
#
_entry.id   8HNK
#
_cell.length_a   1.00
_cell.length_b   1.00
_cell.length_c   1.00
_cell.angle_alpha   90.00
_cell.angle_beta   90.00
_cell.angle_gamma   90.00
#
_symmetry.space_group_name_H-M   'P 1'
#
loop_
_entity.id
_entity.type
_entity.pdbx_description
1 polymer 'Guanine nucleotide-binding protein G(i) subunit alpha-1'
2 polymer 'Guanine nucleotide-binding protein G(I)/G(S)/G(T) subunit beta-1'
3 polymer 'Guanine nucleotide-binding protein G(I)/G(S)/G(O) subunit gamma-2'
4 polymer 'Soluble cytochrome b562,C-X-C chemokine receptor type 3,Oplophorus-luciferin 2-monooxygenase catalytic subunit'
5 polymer 'C-X-C motif chemokine 11'
6 polymer 'single-chain variable fragment scFv16'
7 non-polymer CHOLESTEROL
#
loop_
_entity_poly.entity_id
_entity_poly.type
_entity_poly.pdbx_seq_one_letter_code
_entity_poly.pdbx_strand_id
1 'polypeptide(L)'
;MGCTLSAEDKAAVERSKMIDRNLREDGEKAAREVKLLLLGAGESGKSTIVKQMKIIHEAGYSEEECKQYKAVVYSNTIQS
IIAIIRAMGRLKIDFGDSARADDARQLFVLAGAAEEGFMTAELAGVIKRLWKDSGVQACFNRSREYQLNDSAAYYLNDLD
RIAQPNYIPTQQDVLRTRVKTTGIVETHFTFKDLHFKMFDVGAQRSERKKWIHCFEGVTAIIFCVALSDYDLVLAEDEEM
NRMHESMKLFDSICNNKWFTDTSIILFLNKKDLFEEKIKKSPLTICYPEYAGSNTYEEAAAYIQCQFEDLNKRKDTKEIY
THFTCSTDTKNVQFVFDAVTDVIIKNNLKDCGLF
;
A
2 'polypeptide(L)'
;HHHHHHHHHHLEVLFQGPGSSGSELDQLRQEAEQLKNQIRDARKACADATLSQITNNIDPVGRIQMRTRRTLRGHLAKIY
AMHWGTDSRLLVSASQDGKLIIWDSYTTNKVHAIPLRSSWVMTCAYAPSGNYVACGGLDNICSIYNLKTREGNVRVSREL
AGHTGYLSCCRFLDDNQIVTSSGDTTCALWDIETGQQTTTFTGHTGDVMSLSLAPDTRLFVSGACDASAKLWDVREGMCR
QTFTGHESDINAICFFPNGNAFATGSDDATCRLFDLRADQELMTYSHDNIICGITSVSFSKSGRLLLAGYDDFNCNVWDA
LKADRAGVLAGHDNRVSCLGVTDDGMAVATGSWDSFLKIWNGASGASGASGASVSGWRLFKKIS
;
B
3 'polypeptide(L)' MASNNTASIAQARKLVEQLKMEANIDRIKVSKAAADLMAYCEAHAKEDPLLTPVPASENPFREKKFFCAIL G
4 'polypeptide(L)'
;MKTIIALSYIFCLVFADYKDDDDKGSADLEDNWETLNDNLKVIEKADNAAQVKDALTKMRAAALDAQKATPPKLEDKSPD
SPEMKDFRHGFDILVGQIDDALKLANEGKVKEAQAAAEQLKTTRNAYIQKYLLVPRGSMVLEVSDHQVLNDAEVAALLEN
FSSSYDYGENESDSCCTSPPCPQDFSLNFDRAFLPALYSLLFLLGLLGNGAVAAVLLSRRTALSSTDTFLLHLAVADTLL
VLTLPLWAVDAAVQWVFGSGLCKVAGALFNINFYAGALLLACISFDRYLNIVHATQLYRRGPPARVTLTCLAVWGLCLLF
ALPDFIFLSAHHDERLNATHCQYNFPQVGRTALRVLQLVAGFLLPLLVMAYCYAHILAVLLVSRGQRRLRAMRLVVVVVV
AFALCWTPYHLVVLVDILMDLGALARNCGRESRVDVAKSVTSGLGYMHCCLNPLLYAFVGVKFRERMWMLLLRLGCPNQR
GLQRQPSSSRRDSSWSETSVFTLEDFVGDWEQTAAYNLDQVLEQGGVSSLLQNLAVSVTPIQRIVRSGENALKIDIHVII
PYEGLSADQMAQIEEVFKVVYPVDDHHFKVILPYGTLVIDGVTPNMLNYFGRPYEGIAVFDGKKITVTGTLWNGNKIIDE
RLITPDGSMLFRVTINS
;
R
5 'polypeptide(L)'
;MSVKGMAIALAVILCATVVQGFPMFKRGRCLCIGPGVKAVKVADIEKASIMYPSNNCDKIEVIITLKENKGQRCLNPKSK
QARLIIKKVERKNFHHHHHHHHHH
;
L
6 'polypeptide(L)'
;DVQLVESGGGLVQPGGSRKLSCSASGFAFSSFGMHWVRQAPEKGLEWVAYISSGSGTIYYADTVKGRFTISRDDPKNTLF
LQMTSLRSEDTAMYYCVRSIYYYGSSPFDFWGQGTTLTVSSGGGGSGGGGSGGGGSDIVMTQATSSVPVTPGESVSISCR
SSKSLLHSNGNTYLYWFLQRPGQSPQLLIYRMSNLASGVPDRFSGSGSGTAFTLTISRLEAEDVGVYYCMQHLEYPLTFG
AGTKLELKAAAHHHHHHHH
;
S
#
# COMPACT_ATOMS: atom_id res chain seq x y z
N LEU A 5 22.96 -7.16 15.17
CA LEU A 5 22.13 -7.06 13.99
C LEU A 5 20.98 -8.05 14.02
N SER A 6 21.22 -9.27 13.54
CA SER A 6 20.18 -10.29 13.46
C SER A 6 20.86 -11.65 13.36
N ALA A 7 20.35 -12.63 14.13
CA ALA A 7 20.96 -13.96 14.14
C ALA A 7 20.19 -14.97 13.30
N GLU A 8 18.93 -15.21 13.64
CA GLU A 8 17.98 -15.90 12.76
C GLU A 8 16.73 -15.05 12.57
N ASP A 9 16.85 -13.74 12.85
CA ASP A 9 15.86 -12.77 12.44
C ASP A 9 15.94 -12.46 10.97
N LYS A 10 17.08 -12.76 10.34
CA LYS A 10 17.20 -12.60 8.89
C LYS A 10 16.28 -13.57 8.16
N ALA A 11 16.12 -14.78 8.70
CA ALA A 11 15.19 -15.73 8.10
C ALA A 11 13.75 -15.27 8.28
N ALA A 12 13.44 -14.67 9.43
CA ALA A 12 12.12 -14.09 9.62
C ALA A 12 11.87 -12.96 8.63
N VAL A 13 12.87 -12.12 8.38
CA VAL A 13 12.71 -11.03 7.44
C VAL A 13 12.54 -11.56 6.02
N GLU A 14 13.28 -12.62 5.68
CA GLU A 14 13.12 -13.22 4.36
C GLU A 14 11.74 -13.81 4.18
N ARG A 15 11.21 -14.47 5.22
CA ARG A 15 9.85 -14.99 5.15
C ARG A 15 8.83 -13.86 5.01
N SER A 16 9.06 -12.75 5.72
CA SER A 16 8.17 -11.59 5.58
C SER A 16 8.21 -11.04 4.15
N LYS A 17 9.38 -11.00 3.54
CA LYS A 17 9.47 -10.49 2.17
C LYS A 17 8.79 -11.42 1.18
N MET A 18 8.92 -12.73 1.38
CA MET A 18 8.19 -13.66 0.52
C MET A 18 6.69 -13.49 0.67
N ILE A 19 6.22 -13.30 1.91
CA ILE A 19 4.81 -13.01 2.15
C ILE A 19 4.41 -11.73 1.42
N ASP A 20 5.27 -10.72 1.45
CA ASP A 20 5.00 -9.46 0.77
C ASP A 20 4.82 -9.68 -0.73
N ARG A 21 5.71 -10.44 -1.35
CA ARG A 21 5.60 -10.61 -2.80
C ARG A 21 4.38 -11.43 -3.16
N ASN A 22 4.02 -12.41 -2.33
CA ASN A 22 2.79 -13.16 -2.58
C ASN A 22 1.56 -12.28 -2.47
N LEU A 23 1.53 -11.40 -1.45
CA LEU A 23 0.43 -10.46 -1.32
C LEU A 23 0.33 -9.54 -2.52
N ARG A 24 1.47 -9.03 -2.99
CA ARG A 24 1.47 -8.14 -4.14
C ARG A 24 0.97 -8.85 -5.39
N GLU A 25 1.40 -10.10 -5.60
CA GLU A 25 0.92 -10.87 -6.74
C GLU A 25 -0.58 -11.11 -6.67
N ASP A 26 -1.09 -11.44 -5.48
CA ASP A 26 -2.53 -11.65 -5.33
C ASP A 26 -3.29 -10.36 -5.59
N GLY A 27 -2.77 -9.22 -5.12
CA GLY A 27 -3.41 -7.95 -5.39
C GLY A 27 -3.44 -7.62 -6.87
N GLU A 28 -2.33 -7.86 -7.55
CA GLU A 28 -2.29 -7.64 -9.00
C GLU A 28 -3.31 -8.51 -9.71
N LYS A 29 -3.38 -9.79 -9.34
CA LYS A 29 -4.32 -10.70 -9.99
C LYS A 29 -5.77 -10.32 -9.67
N ALA A 30 -6.02 -9.72 -8.51
CA ALA A 30 -7.37 -9.32 -8.15
C ALA A 30 -7.75 -7.94 -8.67
N ALA A 31 -6.78 -7.16 -9.14
CA ALA A 31 -7.07 -5.85 -9.71
C ALA A 31 -7.51 -5.92 -11.17
N ARG A 32 -7.47 -7.10 -11.78
CA ARG A 32 -7.88 -7.30 -13.16
C ARG A 32 -9.27 -7.93 -13.24
N GLU A 33 -10.10 -7.68 -12.23
CA GLU A 33 -11.42 -8.25 -12.14
C GLU A 33 -12.44 -7.13 -12.24
N VAL A 34 -13.62 -7.46 -12.76
CA VAL A 34 -14.74 -6.51 -12.79
C VAL A 34 -15.73 -6.92 -11.71
N LYS A 35 -16.00 -6.01 -10.79
CA LYS A 35 -16.90 -6.28 -9.67
C LYS A 35 -18.16 -5.46 -9.85
N LEU A 36 -19.30 -6.14 -9.88
CA LEU A 36 -20.60 -5.52 -10.06
C LEU A 36 -21.48 -5.84 -8.88
N LEU A 37 -22.25 -4.85 -8.41
CA LEU A 37 -23.15 -5.04 -7.29
C LEU A 37 -24.57 -5.13 -7.81
N LEU A 38 -25.22 -6.26 -7.57
CA LEU A 38 -26.54 -6.55 -8.12
C LEU A 38 -27.62 -6.21 -7.09
N LEU A 39 -28.49 -5.27 -7.44
CA LEU A 39 -29.51 -4.79 -6.53
C LEU A 39 -30.89 -4.87 -7.19
N GLY A 40 -31.90 -4.93 -6.34
CA GLY A 40 -33.28 -5.03 -6.80
C GLY A 40 -34.20 -5.09 -5.60
N ALA A 41 -35.49 -5.27 -5.90
CA ALA A 41 -36.52 -5.28 -4.87
C ALA A 41 -37.41 -6.50 -5.05
N GLY A 42 -37.37 -7.41 -4.09
CA GLY A 42 -38.29 -8.54 -4.05
C GLY A 42 -38.20 -9.50 -5.22
N GLU A 43 -36.97 -9.89 -5.58
CA GLU A 43 -36.74 -10.88 -6.64
C GLU A 43 -37.40 -10.46 -7.96
N SER A 44 -37.34 -9.17 -8.25
CA SER A 44 -37.97 -8.60 -9.43
C SER A 44 -37.06 -8.79 -10.65
N GLY A 45 -36.98 -10.04 -11.10
CA GLY A 45 -36.20 -10.37 -12.27
C GLY A 45 -34.73 -10.59 -12.04
N LYS A 46 -34.29 -10.73 -10.79
CA LYS A 46 -32.89 -11.04 -10.54
C LYS A 46 -32.52 -12.42 -11.10
N SER A 47 -33.44 -13.39 -10.96
CA SER A 47 -33.15 -14.74 -11.39
C SER A 47 -32.92 -14.81 -12.90
N THR A 48 -33.76 -14.15 -13.69
CA THR A 48 -33.60 -14.18 -15.14
C THR A 48 -32.36 -13.43 -15.60
N ILE A 49 -31.75 -12.63 -14.75
CA ILE A 49 -30.47 -12.02 -15.06
C ILE A 49 -29.31 -12.94 -14.70
N VAL A 50 -29.37 -13.55 -13.51
CA VAL A 50 -28.32 -14.47 -13.10
C VAL A 50 -28.32 -15.74 -13.94
N LYS A 51 -29.43 -16.06 -14.61
CA LYS A 51 -29.49 -17.27 -15.42
C LYS A 51 -28.50 -17.25 -16.59
N GLN A 52 -27.96 -16.09 -16.93
CA GLN A 52 -26.95 -15.98 -17.98
C GLN A 52 -25.53 -16.20 -17.45
N MET A 53 -25.40 -16.92 -16.33
CA MET A 53 -24.10 -17.24 -15.77
C MET A 53 -23.51 -18.47 -16.44
N LYS A 54 -22.24 -18.39 -16.79
CA LYS A 54 -21.51 -19.48 -17.47
C LYS A 54 -20.09 -19.51 -16.90
N ILE A 55 -19.87 -20.36 -15.91
CA ILE A 55 -18.53 -20.52 -15.35
C ILE A 55 -17.99 -21.90 -15.68
N VAL A 179 -27.85 -23.02 0.93
CA VAL A 179 -28.28 -22.79 2.31
C VAL A 179 -27.06 -22.79 3.23
N LYS A 180 -25.94 -23.33 2.72
CA LYS A 180 -24.70 -23.33 3.50
C LYS A 180 -24.22 -21.91 3.76
N THR A 181 -24.29 -21.04 2.75
CA THR A 181 -23.91 -19.64 2.86
C THR A 181 -25.12 -18.79 2.47
N THR A 182 -25.75 -18.14 3.45
CA THR A 182 -26.97 -17.39 3.22
C THR A 182 -26.78 -15.89 3.40
N GLY A 183 -25.55 -15.40 3.42
CA GLY A 183 -25.32 -13.99 3.63
C GLY A 183 -25.09 -13.20 2.35
N ILE A 184 -24.24 -13.73 1.48
CA ILE A 184 -23.90 -13.08 0.22
C ILE A 184 -23.70 -14.16 -0.83
N VAL A 185 -24.04 -13.83 -2.08
CA VAL A 185 -23.95 -14.78 -3.18
C VAL A 185 -22.94 -14.27 -4.19
N GLU A 186 -21.96 -15.09 -4.51
CA GLU A 186 -20.95 -14.77 -5.51
C GLU A 186 -21.36 -15.34 -6.86
N THR A 187 -20.96 -14.65 -7.92
CA THR A 187 -21.22 -15.12 -9.28
C THR A 187 -20.05 -14.75 -10.17
N HIS A 188 -19.41 -15.74 -10.76
CA HIS A 188 -18.30 -15.53 -11.68
C HIS A 188 -18.73 -15.82 -13.10
N PHE A 189 -18.27 -15.00 -14.04
CA PHE A 189 -18.39 -15.38 -15.45
C PHE A 189 -17.32 -14.64 -16.24
N THR A 190 -17.20 -15.00 -17.52
CA THR A 190 -16.17 -14.46 -18.39
C THR A 190 -16.77 -14.16 -19.75
N PHE A 191 -16.55 -12.95 -20.24
CA PHE A 191 -17.03 -12.55 -21.56
C PHE A 191 -15.89 -11.84 -22.28
N LYS A 192 -15.55 -12.35 -23.47
CA LYS A 192 -14.48 -11.78 -24.29
C LYS A 192 -13.19 -11.61 -23.49
N ASP A 193 -12.85 -12.65 -22.73
CA ASP A 193 -11.65 -12.75 -21.89
C ASP A 193 -11.68 -11.82 -20.69
N LEU A 194 -12.76 -11.11 -20.45
CA LEU A 194 -12.89 -10.24 -19.28
C LEU A 194 -13.66 -10.98 -18.20
N HIS A 195 -13.13 -10.95 -16.98
CA HIS A 195 -13.69 -11.70 -15.85
C HIS A 195 -14.57 -10.79 -15.02
N PHE A 196 -15.83 -11.19 -14.81
CA PHE A 196 -16.81 -10.42 -14.09
C PHE A 196 -17.21 -11.15 -12.81
N LYS A 197 -17.24 -10.41 -11.71
CA LYS A 197 -17.70 -10.86 -10.41
C LYS A 197 -18.96 -10.08 -10.05
N MET A 198 -20.03 -10.80 -9.68
CA MET A 198 -21.30 -10.19 -9.32
C MET A 198 -21.67 -10.62 -7.90
N PHE A 199 -22.08 -9.66 -7.09
CA PHE A 199 -22.43 -9.90 -5.69
C PHE A 199 -23.93 -9.68 -5.50
N ASP A 200 -24.61 -10.70 -4.98
CA ASP A 200 -26.02 -10.63 -4.66
C ASP A 200 -26.17 -10.55 -3.15
N VAL A 201 -26.85 -9.51 -2.67
CA VAL A 201 -27.00 -9.26 -1.24
C VAL A 201 -28.47 -9.19 -0.88
N GLY A 202 -29.31 -9.93 -1.61
CA GLY A 202 -30.74 -9.85 -1.38
C GLY A 202 -31.24 -10.54 -0.13
N ALA A 203 -30.39 -11.31 0.55
CA ALA A 203 -30.79 -12.08 1.72
C ALA A 203 -30.17 -11.54 3.00
N GLN A 204 -30.06 -10.22 3.13
CA GLN A 204 -29.49 -9.63 4.33
C GLN A 204 -30.56 -9.22 5.34
N ARG A 205 -31.57 -8.47 4.90
CA ARG A 205 -32.70 -8.07 5.73
C ARG A 205 -32.28 -7.15 6.88
N SER A 206 -31.06 -6.63 6.83
CA SER A 206 -30.52 -5.74 7.85
C SER A 206 -30.64 -4.30 7.38
N GLU A 207 -30.08 -3.38 8.17
CA GLU A 207 -30.05 -1.98 7.80
C GLU A 207 -29.08 -1.78 6.64
N ARG A 208 -29.60 -1.33 5.50
CA ARG A 208 -28.78 -1.19 4.31
C ARG A 208 -27.65 -0.19 4.49
N LYS A 209 -27.77 0.73 5.46
CA LYS A 209 -26.74 1.73 5.66
C LYS A 209 -25.58 1.22 6.51
N LYS A 210 -25.68 0.02 7.06
CA LYS A 210 -24.64 -0.52 7.93
C LYS A 210 -23.59 -1.32 7.19
N TRP A 211 -23.89 -1.79 5.98
CA TRP A 211 -22.95 -2.59 5.22
C TRP A 211 -22.78 -2.14 3.78
N ILE A 212 -23.44 -1.06 3.35
CA ILE A 212 -23.34 -0.66 1.96
C ILE A 212 -21.96 -0.10 1.64
N HIS A 213 -21.31 0.54 2.61
CA HIS A 213 -20.01 1.14 2.37
C HIS A 213 -18.94 0.10 2.06
N CYS A 214 -19.21 -1.17 2.32
CA CYS A 214 -18.28 -2.22 1.92
C CYS A 214 -18.13 -2.28 0.41
N PHE A 215 -19.19 -1.92 -0.33
CA PHE A 215 -19.20 -1.98 -1.79
C PHE A 215 -18.92 -0.62 -2.41
N GLU A 216 -18.13 0.21 -1.75
CA GLU A 216 -17.88 1.56 -2.25
C GLU A 216 -17.08 1.58 -3.53
N GLY A 217 -16.27 0.55 -3.80
CA GLY A 217 -15.40 0.53 -4.95
C GLY A 217 -15.80 -0.35 -6.11
N VAL A 218 -17.04 -0.83 -6.14
CA VAL A 218 -17.47 -1.68 -7.24
C VAL A 218 -17.49 -0.87 -8.53
N THR A 219 -17.25 -1.55 -9.65
CA THR A 219 -17.21 -0.87 -10.94
C THR A 219 -18.59 -0.32 -11.32
N ALA A 220 -19.65 -1.10 -11.09
CA ALA A 220 -20.98 -0.68 -11.49
C ALA A 220 -22.02 -1.34 -10.60
N ILE A 221 -23.21 -0.75 -10.59
CA ILE A 221 -24.36 -1.29 -9.87
C ILE A 221 -25.40 -1.71 -10.89
N ILE A 222 -25.70 -3.00 -10.95
CA ILE A 222 -26.72 -3.53 -11.84
C ILE A 222 -28.03 -3.55 -11.08
N PHE A 223 -28.97 -2.69 -11.46
CA PHE A 223 -30.23 -2.53 -10.76
C PHE A 223 -31.35 -3.12 -11.61
N CYS A 224 -32.11 -4.05 -11.03
CA CYS A 224 -33.15 -4.76 -11.76
C CYS A 224 -34.52 -4.26 -11.33
N VAL A 225 -35.37 -3.92 -12.30
CA VAL A 225 -36.72 -3.45 -12.05
C VAL A 225 -37.68 -4.25 -12.90
N ALA A 226 -38.75 -4.75 -12.29
CA ALA A 226 -39.76 -5.49 -13.03
C ALA A 226 -40.76 -4.52 -13.64
N LEU A 227 -40.90 -4.58 -14.97
CA LEU A 227 -41.79 -3.64 -15.66
C LEU A 227 -43.25 -3.97 -15.40
N SER A 228 -43.59 -5.25 -15.19
CA SER A 228 -44.97 -5.68 -15.08
C SER A 228 -45.49 -5.37 -13.68
N ASP A 229 -45.68 -4.08 -13.41
CA ASP A 229 -46.24 -3.61 -12.15
C ASP A 229 -46.97 -2.29 -12.34
N GLU A 239 -48.28 -5.75 -8.40
CA GLU A 239 -49.06 -4.60 -8.86
C GLU A 239 -49.37 -3.66 -7.70
N MET A 240 -49.15 -4.13 -6.48
CA MET A 240 -49.43 -3.35 -5.27
C MET A 240 -48.35 -2.27 -5.09
N ASN A 241 -48.40 -1.28 -5.99
CA ASN A 241 -47.50 -0.13 -6.02
C ASN A 241 -46.04 -0.51 -5.83
N ARG A 242 -45.66 -1.70 -6.31
CA ARG A 242 -44.27 -2.13 -6.20
C ARG A 242 -43.33 -1.22 -6.98
N MET A 243 -43.85 -0.58 -8.04
CA MET A 243 -43.02 0.37 -8.78
C MET A 243 -42.60 1.54 -7.91
N HIS A 244 -43.46 1.96 -6.98
CA HIS A 244 -43.07 3.03 -6.06
C HIS A 244 -41.95 2.59 -5.13
N GLU A 245 -42.00 1.33 -4.66
CA GLU A 245 -40.91 0.82 -3.83
C GLU A 245 -39.61 0.72 -4.63
N SER A 246 -39.70 0.28 -5.88
CA SER A 246 -38.51 0.22 -6.72
C SER A 246 -37.94 1.61 -6.96
N MET A 247 -38.80 2.60 -7.21
CA MET A 247 -38.33 3.96 -7.41
C MET A 247 -37.71 4.51 -6.14
N LYS A 248 -38.28 4.20 -4.97
CA LYS A 248 -37.69 4.66 -3.72
C LYS A 248 -36.31 4.05 -3.49
N LEU A 249 -36.19 2.74 -3.75
CA LEU A 249 -34.88 2.09 -3.60
C LEU A 249 -33.87 2.67 -4.58
N PHE A 250 -34.28 2.90 -5.82
CA PHE A 250 -33.37 3.48 -6.81
C PHE A 250 -32.96 4.89 -6.41
N ASP A 251 -33.90 5.68 -5.90
CA ASP A 251 -33.57 7.03 -5.45
C ASP A 251 -32.58 7.00 -4.30
N SER A 252 -32.76 6.08 -3.36
CA SER A 252 -31.83 5.97 -2.24
C SER A 252 -30.45 5.53 -2.70
N ILE A 253 -30.38 4.54 -3.59
CA ILE A 253 -29.09 3.99 -4.01
C ILE A 253 -28.34 5.00 -4.89
N CYS A 254 -29.03 5.59 -5.85
CA CYS A 254 -28.36 6.46 -6.82
C CYS A 254 -27.78 7.71 -6.16
N ASN A 255 -28.51 8.29 -5.20
CA ASN A 255 -28.07 9.49 -4.51
C ASN A 255 -27.38 9.19 -3.19
N ASN A 256 -26.91 7.96 -3.01
CA ASN A 256 -26.17 7.60 -1.81
C ASN A 256 -24.81 8.28 -1.82
N LYS A 257 -24.31 8.62 -0.63
CA LYS A 257 -23.06 9.37 -0.54
C LYS A 257 -21.83 8.52 -0.83
N TRP A 258 -21.95 7.19 -0.84
CA TRP A 258 -20.84 6.32 -1.16
C TRP A 258 -20.75 6.01 -2.65
N PHE A 259 -21.88 6.04 -3.37
CA PHE A 259 -21.92 5.61 -4.75
C PHE A 259 -21.83 6.78 -5.73
N THR A 260 -21.39 7.94 -5.27
CA THR A 260 -20.95 8.98 -6.19
C THR A 260 -19.79 8.45 -7.03
N ASP A 261 -19.80 8.81 -8.32
CA ASP A 261 -18.83 8.33 -9.31
C ASP A 261 -18.98 6.84 -9.60
N THR A 262 -20.14 6.26 -9.30
CA THR A 262 -20.41 4.86 -9.61
C THR A 262 -21.60 4.80 -10.57
N SER A 263 -21.41 4.11 -11.69
CA SER A 263 -22.44 4.03 -12.72
C SER A 263 -23.45 2.95 -12.39
N ILE A 264 -24.63 3.09 -12.98
CA ILE A 264 -25.76 2.20 -12.77
C ILE A 264 -26.20 1.64 -14.11
N ILE A 265 -26.41 0.33 -14.17
CA ILE A 265 -26.92 -0.36 -15.33
C ILE A 265 -28.33 -0.83 -14.98
N LEU A 266 -29.33 -0.17 -15.56
CA LEU A 266 -30.72 -0.48 -15.27
C LEU A 266 -31.21 -1.58 -16.20
N PHE A 267 -31.95 -2.54 -15.63
CA PHE A 267 -32.50 -3.67 -16.38
C PHE A 267 -34.00 -3.70 -16.15
N LEU A 268 -34.76 -3.33 -17.18
CA LEU A 268 -36.22 -3.36 -17.11
C LEU A 268 -36.68 -4.73 -17.60
N ASN A 269 -36.90 -5.64 -16.66
CA ASN A 269 -37.24 -7.02 -17.00
C ASN A 269 -38.73 -7.16 -17.32
N LYS A 270 -39.09 -8.32 -17.87
CA LYS A 270 -40.48 -8.73 -18.07
C LYS A 270 -41.25 -7.71 -18.92
N LYS A 271 -40.83 -7.60 -20.19
CA LYS A 271 -41.52 -6.71 -21.11
C LYS A 271 -42.72 -7.36 -21.78
N ASP A 272 -42.77 -8.69 -21.87
CA ASP A 272 -43.94 -9.35 -22.47
C ASP A 272 -45.16 -9.26 -21.56
N LEU A 273 -44.98 -9.52 -20.27
CA LEU A 273 -46.08 -9.33 -19.32
C LEU A 273 -46.49 -7.87 -19.27
N PHE A 274 -45.54 -6.95 -19.47
CA PHE A 274 -45.89 -5.54 -19.58
C PHE A 274 -46.75 -5.28 -20.80
N GLU A 275 -46.39 -5.88 -21.94
CA GLU A 275 -47.24 -5.79 -23.14
C GLU A 275 -48.67 -6.23 -22.82
N GLU A 276 -48.80 -7.42 -22.20
CA GLU A 276 -50.12 -7.97 -21.94
C GLU A 276 -50.91 -7.07 -21.00
N LYS A 277 -50.29 -6.66 -19.88
CA LYS A 277 -51.01 -5.86 -18.89
C LYS A 277 -51.39 -4.49 -19.44
N ILE A 278 -50.48 -3.85 -20.19
CA ILE A 278 -50.81 -2.56 -20.78
C ILE A 278 -51.89 -2.71 -21.85
N LYS A 279 -51.95 -3.86 -22.50
CA LYS A 279 -53.09 -4.14 -23.37
C LYS A 279 -54.37 -4.19 -22.57
N LYS A 280 -54.33 -4.80 -21.38
CA LYS A 280 -55.52 -4.86 -20.53
C LYS A 280 -55.69 -3.58 -19.71
N SER A 281 -54.72 -3.27 -18.86
CA SER A 281 -54.84 -2.17 -17.91
C SER A 281 -53.84 -1.06 -18.24
N PRO A 282 -54.26 0.19 -18.25
CA PRO A 282 -53.35 1.28 -18.60
C PRO A 282 -52.33 1.54 -17.50
N LEU A 283 -51.38 2.42 -17.81
CA LEU A 283 -50.34 2.80 -16.87
C LEU A 283 -50.80 3.87 -15.88
N THR A 284 -51.95 4.49 -16.12
CA THR A 284 -52.41 5.60 -15.27
C THR A 284 -52.62 5.16 -13.83
N ILE A 285 -52.95 3.88 -13.61
CA ILE A 285 -53.18 3.39 -12.25
C ILE A 285 -51.94 3.58 -11.39
N CYS A 286 -50.79 3.16 -11.90
CA CYS A 286 -49.55 3.32 -11.12
C CYS A 286 -49.12 4.78 -11.06
N TYR A 287 -49.15 5.48 -12.18
CA TYR A 287 -48.76 6.89 -12.25
C TYR A 287 -49.93 7.71 -12.75
N PRO A 288 -50.64 8.42 -11.87
CA PRO A 288 -51.86 9.12 -12.29
C PRO A 288 -51.62 10.23 -13.30
N GLU A 289 -50.40 10.77 -13.40
CA GLU A 289 -50.11 11.88 -14.28
C GLU A 289 -49.63 11.43 -15.65
N TYR A 290 -50.05 10.26 -16.11
CA TYR A 290 -49.71 9.81 -17.46
C TYR A 290 -50.68 10.41 -18.46
N ALA A 291 -50.17 11.32 -19.30
CA ALA A 291 -50.97 12.01 -20.30
C ALA A 291 -50.68 11.48 -21.70
N GLY A 292 -50.46 10.16 -21.80
CA GLY A 292 -50.16 9.54 -23.07
C GLY A 292 -51.09 8.37 -23.34
N SER A 293 -50.94 7.80 -24.53
CA SER A 293 -51.80 6.71 -24.96
C SER A 293 -51.40 5.41 -24.27
N ASN A 294 -52.11 4.34 -24.60
CA ASN A 294 -51.81 3.00 -24.09
C ASN A 294 -50.86 2.24 -24.99
N THR A 295 -50.04 2.95 -25.76
CA THR A 295 -49.07 2.29 -26.63
C THR A 295 -47.90 1.79 -25.79
N TYR A 296 -47.41 0.60 -26.12
CA TYR A 296 -46.41 -0.06 -25.28
C TYR A 296 -45.11 0.71 -25.23
N GLU A 297 -44.57 1.09 -26.39
CA GLU A 297 -43.20 1.61 -26.41
C GLU A 297 -43.13 3.01 -25.81
N GLU A 298 -44.17 3.83 -26.02
CA GLU A 298 -44.12 5.17 -25.45
C GLU A 298 -44.28 5.14 -23.94
N ALA A 299 -45.10 4.21 -23.42
CA ALA A 299 -45.21 4.07 -21.97
C ALA A 299 -43.95 3.49 -21.36
N ALA A 300 -43.31 2.53 -22.06
CA ALA A 300 -42.04 2.01 -21.59
C ALA A 300 -40.98 3.10 -21.55
N ALA A 301 -40.93 3.94 -22.58
CA ALA A 301 -40.01 5.07 -22.57
C ALA A 301 -40.35 6.05 -21.45
N TYR A 302 -41.63 6.24 -21.17
CA TYR A 302 -42.02 7.08 -20.04
C TYR A 302 -41.49 6.53 -18.73
N ILE A 303 -41.66 5.23 -18.50
CA ILE A 303 -41.12 4.61 -17.29
C ILE A 303 -39.62 4.75 -17.23
N GLN A 304 -38.95 4.55 -18.37
CA GLN A 304 -37.49 4.64 -18.41
C GLN A 304 -37.01 6.03 -18.03
N CYS A 305 -37.61 7.08 -18.63
CA CYS A 305 -37.12 8.42 -18.32
C CYS A 305 -37.51 8.85 -16.92
N GLN A 306 -38.65 8.35 -16.41
CA GLN A 306 -39.05 8.70 -15.05
C GLN A 306 -38.21 7.98 -14.00
N PHE A 307 -37.63 6.84 -14.35
CA PHE A 307 -36.56 6.28 -13.51
C PHE A 307 -35.27 7.10 -13.66
N GLU A 308 -34.90 7.43 -14.90
CA GLU A 308 -33.59 8.00 -15.17
C GLU A 308 -33.45 9.44 -14.67
N ASP A 309 -34.54 10.18 -14.52
CA ASP A 309 -34.44 11.55 -14.05
C ASP A 309 -34.40 11.65 -12.53
N LEU A 310 -34.47 10.52 -11.82
CA LEU A 310 -34.23 10.51 -10.39
C LEU A 310 -32.76 10.74 -10.04
N ASN A 311 -31.87 10.62 -11.02
CA ASN A 311 -30.43 10.82 -10.82
C ASN A 311 -30.18 12.30 -10.55
N LYS A 312 -29.93 12.65 -9.30
CA LYS A 312 -29.67 14.04 -8.95
C LYS A 312 -28.34 14.53 -9.51
N ARG A 313 -27.34 13.65 -9.59
CA ARG A 313 -26.03 14.02 -10.11
C ARG A 313 -25.97 13.65 -11.59
N LYS A 314 -26.61 14.48 -12.41
CA LYS A 314 -26.72 14.21 -13.83
C LYS A 314 -25.38 14.26 -14.56
N ASP A 315 -24.35 14.82 -13.94
CA ASP A 315 -23.05 14.97 -14.58
C ASP A 315 -21.97 14.10 -13.97
N THR A 316 -22.10 13.72 -12.69
CA THR A 316 -21.06 12.92 -12.05
C THR A 316 -21.11 11.47 -12.49
N LYS A 317 -22.31 10.94 -12.73
CA LYS A 317 -22.49 9.54 -13.05
C LYS A 317 -23.48 9.41 -14.19
N GLU A 318 -23.47 8.23 -14.82
CA GLU A 318 -24.33 7.94 -15.97
C GLU A 318 -25.16 6.71 -15.66
N ILE A 319 -26.31 6.61 -16.33
CA ILE A 319 -27.24 5.50 -16.17
C ILE A 319 -27.43 4.83 -17.52
N TYR A 320 -27.19 3.52 -17.59
CA TYR A 320 -27.39 2.74 -18.80
C TYR A 320 -28.64 1.89 -18.64
N THR A 321 -29.52 1.94 -19.63
CA THR A 321 -30.82 1.29 -19.55
C THR A 321 -30.93 0.24 -20.64
N HIS A 322 -31.63 -0.85 -20.30
CA HIS A 322 -31.83 -1.96 -21.23
C HIS A 322 -33.15 -2.63 -20.92
N PHE A 323 -33.78 -3.18 -21.96
CA PHE A 323 -35.01 -3.95 -21.83
C PHE A 323 -34.66 -5.41 -22.08
N THR A 324 -34.71 -6.22 -21.04
CA THR A 324 -34.22 -7.59 -21.11
C THR A 324 -34.99 -8.39 -22.15
N CYS A 325 -34.26 -9.11 -23.00
CA CYS A 325 -34.84 -9.90 -24.07
C CYS A 325 -34.43 -11.36 -23.90
N SER A 326 -35.20 -12.24 -24.56
CA SER A 326 -34.96 -13.67 -24.45
C SER A 326 -33.63 -14.10 -25.07
N THR A 327 -33.06 -13.29 -25.96
CA THR A 327 -31.79 -13.63 -26.57
C THR A 327 -30.70 -13.71 -25.50
N ASP A 328 -29.87 -14.75 -25.59
CA ASP A 328 -28.95 -15.06 -24.51
C ASP A 328 -27.83 -14.03 -24.39
N THR A 329 -27.20 -13.66 -25.52
CA THR A 329 -25.99 -12.88 -25.46
C THR A 329 -26.22 -11.38 -25.42
N LYS A 330 -27.46 -10.91 -25.64
CA LYS A 330 -27.69 -9.47 -25.72
C LYS A 330 -27.46 -8.80 -24.37
N ASN A 331 -27.94 -9.41 -23.28
CA ASN A 331 -27.76 -8.82 -21.96
C ASN A 331 -26.28 -8.76 -21.59
N VAL A 332 -25.55 -9.85 -21.85
CA VAL A 332 -24.12 -9.87 -21.51
C VAL A 332 -23.35 -8.87 -22.37
N GLN A 333 -23.72 -8.73 -23.65
CA GLN A 333 -23.07 -7.74 -24.49
C GLN A 333 -23.36 -6.33 -24.03
N PHE A 334 -24.59 -6.06 -23.58
CA PHE A 334 -24.92 -4.75 -23.05
C PHE A 334 -24.11 -4.45 -21.80
N VAL A 335 -24.01 -5.42 -20.90
CA VAL A 335 -23.20 -5.22 -19.69
C VAL A 335 -21.75 -5.00 -20.05
N PHE A 336 -21.24 -5.76 -21.02
CA PHE A 336 -19.85 -5.58 -21.46
C PHE A 336 -19.61 -4.19 -22.01
N ASP A 337 -20.54 -3.69 -22.84
CA ASP A 337 -20.39 -2.35 -23.40
C ASP A 337 -20.44 -1.29 -22.31
N ALA A 338 -21.37 -1.42 -21.36
CA ALA A 338 -21.47 -0.45 -20.28
C ALA A 338 -20.21 -0.45 -19.43
N VAL A 339 -19.67 -1.64 -19.12
CA VAL A 339 -18.46 -1.74 -18.32
C VAL A 339 -17.26 -1.17 -19.08
N THR A 340 -17.21 -1.40 -20.39
CA THR A 340 -16.14 -0.81 -21.19
C THR A 340 -16.20 0.71 -21.15
N ASP A 341 -17.41 1.27 -21.28
CA ASP A 341 -17.57 2.72 -21.23
C ASP A 341 -17.14 3.28 -19.88
N VAL A 342 -17.57 2.62 -18.78
CA VAL A 342 -17.23 3.14 -17.47
C VAL A 342 -15.74 2.99 -17.18
N ILE A 343 -15.10 1.94 -17.70
CA ILE A 343 -13.65 1.80 -17.57
C ILE A 343 -12.94 2.91 -18.32
N ILE A 344 -13.43 3.24 -19.52
CA ILE A 344 -12.82 4.32 -20.29
C ILE A 344 -12.95 5.65 -19.55
N LYS A 345 -14.11 5.91 -18.96
CA LYS A 345 -14.27 7.15 -18.20
C LYS A 345 -13.37 7.18 -16.96
N ASN A 346 -13.25 6.04 -16.26
CA ASN A 346 -12.36 5.99 -15.11
C ASN A 346 -10.91 6.25 -15.52
N ASN A 347 -10.49 5.68 -16.64
CA ASN A 347 -9.13 5.93 -17.12
C ASN A 347 -8.96 7.38 -17.58
N LEU A 348 -10.01 8.00 -18.12
CA LEU A 348 -9.96 9.41 -18.44
C LEU A 348 -9.70 10.24 -17.19
N LYS A 349 -10.39 9.91 -16.10
CA LYS A 349 -10.16 10.66 -14.87
C LYS A 349 -8.78 10.39 -14.29
N ASP A 350 -8.32 9.14 -14.36
CA ASP A 350 -7.05 8.77 -13.76
C ASP A 350 -5.85 9.29 -14.55
N CYS A 351 -5.92 9.18 -15.88
CA CYS A 351 -4.77 9.50 -16.73
C CYS A 351 -4.57 11.00 -16.92
N GLY A 352 -5.23 11.84 -16.13
CA GLY A 352 -4.98 13.26 -16.12
C GLY A 352 -5.94 14.10 -16.95
N LEU A 353 -6.66 13.49 -17.88
CA LEU A 353 -7.63 14.22 -18.66
C LEU A 353 -8.85 14.53 -17.79
N PHE A 354 -9.85 15.16 -18.42
CA PHE A 354 -11.05 15.64 -17.72
C PHE A 354 -10.67 16.60 -16.59
N ASP B 26 -52.20 -1.80 25.76
CA ASP B 26 -53.38 -2.35 26.43
C ASP B 26 -53.11 -2.57 27.91
N GLN B 27 -53.58 -3.70 28.44
CA GLN B 27 -53.39 -4.03 29.84
C GLN B 27 -51.93 -4.31 30.20
N LEU B 28 -51.05 -4.46 29.20
CA LEU B 28 -49.65 -4.73 29.45
C LEU B 28 -48.73 -3.58 29.04
N ARG B 29 -49.12 -2.76 28.07
CA ARG B 29 -48.35 -1.56 27.77
C ARG B 29 -48.38 -0.59 28.94
N GLN B 30 -49.52 -0.49 29.63
CA GLN B 30 -49.58 0.31 30.85
C GLN B 30 -48.65 -0.24 31.91
N GLU B 31 -48.61 -1.56 32.06
CA GLU B 31 -47.68 -2.17 33.03
C GLU B 31 -46.24 -1.86 32.68
N ALA B 32 -45.89 -1.96 31.40
CA ALA B 32 -44.52 -1.65 30.97
C ALA B 32 -44.20 -0.18 31.22
N GLU B 33 -45.16 0.72 30.94
CA GLU B 33 -44.91 2.14 31.13
C GLU B 33 -44.71 2.48 32.59
N GLN B 34 -45.53 1.90 33.47
CA GLN B 34 -45.37 2.19 34.90
C GLN B 34 -44.09 1.58 35.46
N LEU B 35 -43.71 0.40 34.96
CA LEU B 35 -42.42 -0.17 35.37
C LEU B 35 -41.26 0.70 34.91
N LYS B 36 -41.33 1.22 33.68
CA LYS B 36 -40.27 2.09 33.19
C LYS B 36 -40.19 3.37 34.00
N ASN B 37 -41.35 3.95 34.33
CA ASN B 37 -41.34 5.17 35.15
C ASN B 37 -40.78 4.89 36.54
N GLN B 38 -41.13 3.76 37.14
CA GLN B 38 -40.58 3.39 38.44
C GLN B 38 -39.07 3.21 38.37
N ILE B 39 -38.57 2.58 37.30
CA ILE B 39 -37.13 2.41 37.14
C ILE B 39 -36.44 3.76 37.00
N ARG B 40 -37.01 4.66 36.21
CA ARG B 40 -36.43 5.99 36.05
C ARG B 40 -36.38 6.73 37.37
N ASP B 41 -37.46 6.67 38.15
CA ASP B 41 -37.46 7.31 39.46
C ASP B 41 -36.44 6.69 40.40
N ALA B 42 -36.33 5.36 40.38
CA ALA B 42 -35.37 4.69 41.25
C ALA B 42 -33.94 5.08 40.91
N ARG B 43 -33.62 5.15 39.62
CA ARG B 43 -32.27 5.56 39.25
C ARG B 43 -32.09 7.08 39.25
N LYS B 44 -33.16 7.84 39.52
CA LYS B 44 -33.03 9.28 39.70
C LYS B 44 -32.67 9.64 41.14
N ALA B 45 -33.04 8.80 42.10
CA ALA B 45 -32.75 9.09 43.49
C ALA B 45 -31.29 8.81 43.86
N CYS B 46 -30.57 8.06 43.04
CA CYS B 46 -29.17 7.76 43.33
C CYS B 46 -28.23 8.86 42.89
N ALA B 47 -28.70 9.85 42.13
CA ALA B 47 -27.84 10.90 41.59
C ALA B 47 -27.70 12.04 42.60
N ASP B 48 -27.10 11.71 43.75
CA ASP B 48 -26.83 12.73 44.75
C ASP B 48 -25.80 13.73 44.26
N ALA B 49 -24.76 13.25 43.58
CA ALA B 49 -23.74 14.13 43.02
C ALA B 49 -23.45 13.73 41.58
N THR B 50 -22.42 14.33 40.99
CA THR B 50 -22.00 14.01 39.63
C THR B 50 -20.49 13.79 39.61
N LEU B 51 -20.04 12.98 38.66
CA LEU B 51 -18.63 12.68 38.54
C LEU B 51 -17.81 13.93 38.25
N SER B 52 -18.37 14.86 37.47
CA SER B 52 -17.64 16.07 37.12
C SER B 52 -17.37 16.94 38.35
N GLN B 53 -18.40 17.20 39.15
CA GLN B 53 -18.22 18.05 40.32
C GLN B 53 -17.49 17.36 41.46
N ILE B 54 -17.27 16.05 41.36
CA ILE B 54 -16.41 15.35 42.31
C ILE B 54 -14.96 15.36 41.86
N THR B 55 -14.72 15.17 40.56
CA THR B 55 -13.38 15.24 40.00
C THR B 55 -12.88 16.66 39.80
N ASN B 56 -13.72 17.66 40.03
CA ASN B 56 -13.32 19.05 39.84
C ASN B 56 -12.04 19.43 40.58
N ASN B 57 -11.62 18.64 41.56
CA ASN B 57 -10.45 19.02 42.35
C ASN B 57 -9.33 17.99 42.27
N ILE B 58 -9.02 17.52 41.06
CA ILE B 58 -7.85 16.67 40.83
C ILE B 58 -7.10 17.23 39.63
N ASP B 59 -5.77 17.08 39.66
CA ASP B 59 -4.92 17.72 38.67
C ASP B 59 -5.23 17.18 37.27
N PRO B 60 -5.49 18.04 36.29
CA PRO B 60 -5.69 17.56 34.93
C PRO B 60 -4.40 17.03 34.34
N VAL B 61 -4.54 16.07 33.44
CA VAL B 61 -3.38 15.52 32.74
C VAL B 61 -2.87 16.53 31.73
N GLY B 62 -1.57 16.48 31.48
CA GLY B 62 -0.95 17.40 30.54
C GLY B 62 -1.38 17.12 29.11
N ARG B 63 -0.80 17.89 28.20
CA ARG B 63 -1.06 17.70 26.78
C ARG B 63 -0.42 16.39 26.33
N ILE B 64 -1.26 15.40 26.00
CA ILE B 64 -0.77 14.07 25.64
C ILE B 64 -0.32 14.11 24.20
N GLN B 65 1.00 14.04 23.99
CA GLN B 65 1.59 14.05 22.66
C GLN B 65 2.22 12.69 22.40
N MET B 66 1.79 12.06 21.31
CA MET B 66 2.20 10.69 21.00
C MET B 66 2.90 10.65 19.64
N ARG B 67 3.85 9.74 19.52
CA ARG B 67 4.69 9.62 18.33
C ARG B 67 4.37 8.32 17.62
N THR B 68 4.41 8.36 16.29
CA THR B 68 4.18 7.17 15.47
C THR B 68 5.49 6.40 15.37
N ARG B 69 5.58 5.28 16.09
CA ARG B 69 6.79 4.46 16.07
C ARG B 69 6.85 3.59 14.83
N ARG B 70 5.76 2.92 14.49
CA ARG B 70 5.72 2.01 13.35
C ARG B 70 4.53 2.31 12.46
N THR B 71 4.69 1.97 11.17
CA THR B 71 3.61 2.00 10.20
C THR B 71 3.63 0.67 9.46
N LEU B 72 2.53 -0.07 9.52
CA LEU B 72 2.46 -1.43 8.99
C LEU B 72 1.77 -1.39 7.63
N ARG B 73 2.52 -1.69 6.58
CA ARG B 73 2.02 -1.66 5.22
C ARG B 73 1.93 -3.08 4.66
N GLY B 74 0.99 -3.26 3.73
CA GLY B 74 0.79 -4.55 3.10
C GLY B 74 -0.65 -4.87 2.79
N HIS B 75 -1.58 -4.19 3.45
CA HIS B 75 -2.99 -4.33 3.11
C HIS B 75 -3.31 -3.47 1.88
N LEU B 76 -4.13 -4.01 1.00
CA LEU B 76 -4.47 -3.33 -0.26
C LEU B 76 -5.90 -2.83 -0.30
N ALA B 77 -6.59 -2.80 0.84
CA ALA B 77 -7.96 -2.33 0.90
C ALA B 77 -8.24 -1.82 2.31
N LYS B 78 -9.47 -1.36 2.52
CA LYS B 78 -9.83 -0.80 3.82
C LYS B 78 -9.65 -1.86 4.91
N ILE B 79 -9.01 -1.46 6.00
CA ILE B 79 -8.80 -2.33 7.15
C ILE B 79 -10.00 -2.19 8.06
N TYR B 80 -10.70 -3.29 8.31
CA TYR B 80 -11.95 -3.17 9.06
C TYR B 80 -11.83 -3.56 10.53
N ALA B 81 -10.83 -4.37 10.90
CA ALA B 81 -10.71 -4.79 12.29
C ALA B 81 -9.25 -5.07 12.61
N MET B 82 -8.96 -5.08 13.90
CA MET B 82 -7.64 -5.43 14.41
C MET B 82 -7.79 -5.89 15.85
N HIS B 83 -6.79 -6.62 16.33
CA HIS B 83 -6.82 -7.09 17.70
C HIS B 83 -5.40 -7.41 18.15
N TRP B 84 -5.07 -7.02 19.37
CA TRP B 84 -3.75 -7.26 19.92
C TRP B 84 -3.64 -8.66 20.49
N GLY B 85 -2.43 -9.22 20.44
CA GLY B 85 -2.15 -10.44 21.15
C GLY B 85 -2.03 -10.21 22.65
N THR B 86 -2.22 -11.29 23.41
CA THR B 86 -2.16 -11.16 24.86
C THR B 86 -0.74 -10.89 25.36
N ASP B 87 0.27 -11.19 24.55
CA ASP B 87 1.64 -10.82 24.86
C ASP B 87 1.96 -9.40 24.43
N SER B 88 1.02 -8.73 23.76
CA SER B 88 1.15 -7.32 23.36
C SER B 88 2.34 -7.10 22.45
N ARG B 89 2.66 -8.08 21.62
CA ARG B 89 3.67 -7.93 20.59
C ARG B 89 3.15 -8.29 19.21
N LEU B 90 2.36 -9.34 19.10
CA LEU B 90 1.75 -9.76 17.84
C LEU B 90 0.33 -9.24 17.77
N LEU B 91 -0.07 -8.78 16.59
CA LEU B 91 -1.44 -8.32 16.39
C LEU B 91 -1.97 -8.87 15.08
N VAL B 92 -3.29 -9.01 15.01
CA VAL B 92 -3.96 -9.53 13.82
C VAL B 92 -4.79 -8.41 13.22
N SER B 93 -4.79 -8.32 11.90
CA SER B 93 -5.57 -7.32 11.19
C SER B 93 -6.28 -7.97 10.01
N ALA B 94 -7.51 -7.51 9.77
CA ALA B 94 -8.35 -8.03 8.70
C ALA B 94 -8.70 -6.90 7.75
N SER B 95 -8.49 -7.13 6.46
CA SER B 95 -8.85 -6.09 5.50
C SER B 95 -9.92 -6.61 4.54
N GLN B 96 -10.44 -5.72 3.71
CA GLN B 96 -11.54 -6.06 2.80
C GLN B 96 -11.05 -6.72 1.52
N ASP B 97 -9.74 -6.89 1.36
CA ASP B 97 -9.20 -7.65 0.25
C ASP B 97 -9.12 -9.13 0.53
N GLY B 98 -9.89 -9.63 1.50
CA GLY B 98 -9.89 -11.03 1.84
C GLY B 98 -8.58 -11.50 2.42
N LYS B 99 -8.01 -10.75 3.36
CA LYS B 99 -6.74 -11.10 3.95
C LYS B 99 -6.74 -10.85 5.45
N LEU B 100 -6.18 -11.82 6.18
CA LEU B 100 -5.76 -11.68 7.56
C LEU B 100 -4.25 -11.61 7.59
N ILE B 101 -3.69 -10.65 8.32
CA ILE B 101 -2.25 -10.56 8.47
C ILE B 101 -1.91 -10.51 9.95
N ILE B 102 -0.93 -11.31 10.36
CA ILE B 102 -0.42 -11.30 11.73
C ILE B 102 0.93 -10.62 11.71
N TRP B 103 1.04 -9.50 12.42
CA TRP B 103 2.23 -8.68 12.45
C TRP B 103 2.94 -8.83 13.78
N ASP B 104 4.26 -8.90 13.72
CA ASP B 104 5.13 -8.71 14.87
C ASP B 104 5.46 -7.23 14.93
N SER B 105 4.88 -6.54 15.91
CA SER B 105 4.93 -5.07 15.90
C SER B 105 6.31 -4.52 16.24
N TYR B 106 7.16 -5.29 16.92
CA TYR B 106 8.48 -4.78 17.28
C TYR B 106 9.37 -4.65 16.05
N THR B 107 9.17 -5.51 15.06
CA THR B 107 9.99 -5.51 13.86
C THR B 107 9.19 -5.32 12.58
N THR B 108 7.86 -5.23 12.65
CA THR B 108 6.98 -5.04 11.50
C THR B 108 7.07 -6.20 10.52
N ASN B 109 7.40 -7.39 11.00
CA ASN B 109 7.44 -8.58 10.16
C ASN B 109 6.06 -9.22 10.10
N LYS B 110 5.73 -9.76 8.94
CA LYS B 110 4.48 -10.50 8.77
C LYS B 110 4.71 -11.95 9.15
N VAL B 111 4.09 -12.39 10.25
CA VAL B 111 4.25 -13.76 10.69
C VAL B 111 3.41 -14.70 9.85
N HIS B 112 2.15 -14.36 9.63
CA HIS B 112 1.24 -15.18 8.85
C HIS B 112 0.37 -14.31 7.98
N ALA B 113 -0.07 -14.85 6.85
CA ALA B 113 -1.00 -14.20 5.94
C ALA B 113 -2.05 -15.24 5.53
N ILE B 114 -3.24 -15.13 6.08
CA ILE B 114 -4.32 -16.09 5.87
C ILE B 114 -5.22 -15.55 4.76
N PRO B 115 -5.47 -16.33 3.70
CA PRO B 115 -6.49 -15.93 2.72
C PRO B 115 -7.86 -16.46 3.09
N LEU B 116 -8.85 -15.58 3.09
CA LEU B 116 -10.19 -15.94 3.54
C LEU B 116 -11.07 -16.34 2.35
N ARG B 117 -12.02 -17.24 2.62
CA ARG B 117 -12.94 -17.67 1.58
C ARG B 117 -13.84 -16.52 1.14
N SER B 118 -14.28 -15.69 2.08
CA SER B 118 -15.13 -14.55 1.80
C SER B 118 -14.36 -13.26 2.04
N SER B 119 -14.27 -12.42 1.00
CA SER B 119 -13.56 -11.16 1.11
C SER B 119 -14.26 -10.18 2.05
N TRP B 120 -15.55 -10.38 2.33
CA TRP B 120 -16.34 -9.41 3.09
C TRP B 120 -16.25 -9.74 4.58
N VAL B 121 -15.10 -9.41 5.15
CA VAL B 121 -14.82 -9.62 6.56
C VAL B 121 -14.89 -8.28 7.28
N MET B 122 -15.65 -8.24 8.37
CA MET B 122 -15.86 -7.01 9.11
C MET B 122 -15.43 -7.09 10.57
N THR B 123 -14.84 -8.19 11.00
CA THR B 123 -14.37 -8.32 12.37
C THR B 123 -13.28 -9.38 12.43
N CYS B 124 -12.53 -9.36 13.52
CA CYS B 124 -11.51 -10.36 13.78
C CYS B 124 -11.24 -10.39 15.27
N ALA B 125 -10.67 -11.51 15.73
CA ALA B 125 -10.29 -11.66 17.12
C ALA B 125 -9.07 -12.55 17.20
N TYR B 126 -8.33 -12.43 18.30
CA TYR B 126 -7.12 -13.22 18.51
C TYR B 126 -7.28 -13.91 19.85
N ALA B 127 -7.01 -15.21 19.91
CA ALA B 127 -7.30 -15.98 21.10
C ALA B 127 -6.39 -15.56 22.26
N PRO B 128 -6.90 -15.63 23.50
CA PRO B 128 -6.03 -15.31 24.65
C PRO B 128 -4.83 -16.22 24.77
N SER B 129 -4.96 -17.49 24.39
CA SER B 129 -3.81 -18.39 24.41
C SER B 129 -2.86 -18.12 23.26
N GLY B 130 -3.37 -17.65 22.14
CA GLY B 130 -2.56 -17.37 20.97
C GLY B 130 -2.58 -18.42 19.89
N ASN B 131 -3.39 -19.47 20.03
CA ASN B 131 -3.38 -20.57 19.09
C ASN B 131 -4.37 -20.40 17.95
N TYR B 132 -5.41 -19.59 18.12
CA TYR B 132 -6.47 -19.47 17.14
C TYR B 132 -6.75 -18.00 16.84
N VAL B 133 -7.31 -17.76 15.66
CA VAL B 133 -7.88 -16.46 15.29
C VAL B 133 -9.28 -16.69 14.74
N ALA B 134 -10.02 -15.60 14.57
CA ALA B 134 -11.41 -15.68 14.14
C ALA B 134 -11.72 -14.58 13.14
N CYS B 135 -12.72 -14.84 12.30
CA CYS B 135 -13.21 -13.85 11.36
C CYS B 135 -14.71 -14.01 11.18
N GLY B 136 -15.33 -12.98 10.63
CA GLY B 136 -16.74 -13.02 10.29
C GLY B 136 -17.08 -11.82 9.45
N GLY B 137 -18.27 -11.82 8.89
CA GLY B 137 -18.70 -10.70 8.08
C GLY B 137 -20.03 -10.88 7.40
N LEU B 138 -20.09 -10.52 6.13
CA LEU B 138 -21.34 -10.52 5.38
C LEU B 138 -21.81 -11.91 4.98
N ASP B 139 -21.03 -12.96 5.27
CA ASP B 139 -21.41 -14.32 4.96
C ASP B 139 -22.05 -15.04 6.14
N ASN B 140 -22.27 -14.36 7.26
CA ASN B 140 -22.97 -14.87 8.44
C ASN B 140 -22.27 -16.06 9.08
N ILE B 141 -20.97 -16.23 8.84
CA ILE B 141 -20.23 -17.37 9.36
C ILE B 141 -19.02 -16.87 10.13
N CYS B 142 -18.79 -17.42 11.32
CA CYS B 142 -17.61 -17.13 12.11
C CYS B 142 -16.59 -18.24 11.87
N SER B 143 -15.50 -17.91 11.19
CA SER B 143 -14.47 -18.87 10.85
C SER B 143 -13.37 -18.83 11.90
N ILE B 144 -12.98 -20.00 12.39
CA ILE B 144 -11.95 -20.15 13.41
C ILE B 144 -10.76 -20.84 12.75
N TYR B 145 -9.59 -20.19 12.81
CA TYR B 145 -8.36 -20.66 12.18
C TYR B 145 -7.35 -21.05 13.24
N ASN B 146 -6.65 -22.15 13.00
CA ASN B 146 -5.66 -22.70 13.92
C ASN B 146 -4.26 -22.35 13.43
N LEU B 147 -3.51 -21.64 14.27
CA LEU B 147 -2.19 -21.16 13.87
C LEU B 147 -1.09 -22.19 14.12
N LYS B 148 -1.17 -22.94 15.21
CA LYS B 148 -0.15 -23.91 15.58
C LYS B 148 -0.54 -25.28 15.02
N THR B 149 -0.12 -25.56 13.80
CA THR B 149 -0.34 -26.84 13.16
C THR B 149 0.98 -27.54 12.89
N ARG B 150 0.95 -28.86 12.82
CA ARG B 150 2.14 -29.63 12.49
C ARG B 150 2.51 -29.55 11.02
N GLU B 151 1.54 -29.26 10.15
CA GLU B 151 1.79 -29.14 8.72
C GLU B 151 2.53 -27.87 8.35
N GLY B 152 2.69 -26.94 9.28
CA GLY B 152 3.44 -25.72 9.04
C GLY B 152 2.67 -24.58 8.41
N ASN B 153 1.38 -24.75 8.18
CA ASN B 153 0.55 -23.69 7.61
C ASN B 153 -0.73 -23.54 8.40
N VAL B 154 -1.33 -22.36 8.30
CA VAL B 154 -2.60 -22.08 8.97
C VAL B 154 -3.73 -22.66 8.15
N ARG B 155 -4.61 -23.41 8.78
CA ARG B 155 -5.76 -23.99 8.12
C ARG B 155 -7.01 -23.74 8.96
N VAL B 156 -8.15 -23.62 8.27
CA VAL B 156 -9.39 -23.31 8.96
C VAL B 156 -9.79 -24.47 9.85
N SER B 157 -10.07 -24.16 11.11
CA SER B 157 -10.41 -25.18 12.10
C SER B 157 -11.90 -25.37 12.24
N ARG B 158 -12.70 -24.32 12.07
CA ARG B 158 -14.13 -24.44 12.25
C ARG B 158 -14.84 -23.33 11.48
N GLU B 159 -16.10 -23.57 11.16
CA GLU B 159 -16.98 -22.57 10.55
C GLU B 159 -18.31 -22.60 11.31
N LEU B 160 -18.45 -21.70 12.28
CA LEU B 160 -19.67 -21.62 13.06
C LEU B 160 -20.73 -20.86 12.28
N ALA B 161 -21.83 -21.54 11.97
CA ALA B 161 -22.93 -20.97 11.19
C ALA B 161 -24.22 -21.11 11.98
N GLY B 162 -25.16 -20.21 11.72
CA GLY B 162 -26.41 -20.20 12.45
C GLY B 162 -26.98 -18.81 12.66
N HIS B 163 -26.15 -17.78 12.50
CA HIS B 163 -26.66 -16.43 12.47
C HIS B 163 -27.37 -16.16 11.15
N THR B 164 -28.33 -15.25 11.17
CA THR B 164 -29.06 -14.85 9.98
C THR B 164 -28.73 -13.44 9.54
N GLY B 165 -27.72 -12.81 10.15
CA GLY B 165 -27.25 -11.51 9.71
C GLY B 165 -25.74 -11.45 9.77
N TYR B 166 -25.20 -10.35 9.26
CA TYR B 166 -23.75 -10.19 9.22
C TYR B 166 -23.16 -10.19 10.62
N LEU B 167 -21.99 -10.82 10.76
CA LEU B 167 -21.26 -10.77 12.03
C LEU B 167 -20.60 -9.41 12.20
N SER B 168 -20.84 -8.78 13.35
CA SER B 168 -20.28 -7.47 13.61
C SER B 168 -19.16 -7.47 14.64
N CYS B 169 -19.10 -8.46 15.52
CA CYS B 169 -18.00 -8.59 16.45
C CYS B 169 -17.91 -10.03 16.92
N CYS B 170 -16.76 -10.38 17.48
CA CYS B 170 -16.53 -11.71 18.03
C CYS B 170 -15.36 -11.63 19.00
N ARG B 171 -15.45 -12.36 20.10
CA ARG B 171 -14.44 -12.29 21.15
C ARG B 171 -14.23 -13.68 21.73
N PHE B 172 -13.01 -14.19 21.64
CA PHE B 172 -12.67 -15.48 22.24
C PHE B 172 -12.83 -15.39 23.75
N LEU B 173 -13.31 -16.47 24.36
CA LEU B 173 -13.62 -16.46 25.78
C LEU B 173 -12.65 -17.33 26.58
N ASP B 174 -12.56 -18.62 26.27
CA ASP B 174 -11.60 -19.50 26.94
C ASP B 174 -10.95 -20.47 25.97
N ASP B 175 -10.67 -20.02 24.75
CA ASP B 175 -9.97 -20.80 23.74
C ASP B 175 -10.80 -21.99 23.24
N ASN B 176 -11.99 -22.17 23.80
CA ASN B 176 -12.90 -23.21 23.33
C ASN B 176 -14.34 -22.74 23.20
N GLN B 177 -14.65 -21.52 23.59
CA GLN B 177 -15.95 -20.93 23.35
C GLN B 177 -15.77 -19.47 22.99
N ILE B 178 -16.69 -18.95 22.19
CA ILE B 178 -16.57 -17.63 21.60
C ILE B 178 -17.94 -16.97 21.58
N VAL B 179 -17.96 -15.68 21.88
CA VAL B 179 -19.18 -14.87 21.84
C VAL B 179 -19.18 -14.08 20.54
N THR B 180 -20.31 -14.11 19.84
CA THR B 180 -20.46 -13.40 18.58
C THR B 180 -21.73 -12.57 18.62
N SER B 181 -21.77 -11.54 17.78
CA SER B 181 -22.93 -10.68 17.64
C SER B 181 -23.18 -10.43 16.17
N SER B 182 -24.45 -10.36 15.78
CA SER B 182 -24.82 -10.29 14.38
C SER B 182 -25.87 -9.21 14.16
N GLY B 183 -26.22 -9.01 12.90
CA GLY B 183 -27.25 -8.07 12.50
C GLY B 183 -28.65 -8.59 12.55
N ASP B 184 -28.85 -9.81 13.06
CA ASP B 184 -30.19 -10.31 13.33
C ASP B 184 -30.66 -9.96 14.73
N THR B 185 -30.06 -8.95 15.35
CA THR B 185 -30.45 -8.40 16.65
C THR B 185 -30.24 -9.38 17.79
N THR B 186 -29.41 -10.42 17.59
CA THR B 186 -29.13 -11.39 18.64
C THR B 186 -27.63 -11.60 18.76
N CYS B 187 -27.20 -11.96 19.96
CA CYS B 187 -25.85 -12.42 20.22
C CYS B 187 -25.88 -13.92 20.51
N ALA B 188 -24.71 -14.54 20.49
CA ALA B 188 -24.65 -15.98 20.71
C ALA B 188 -23.35 -16.34 21.38
N LEU B 189 -23.36 -17.43 22.12
CA LEU B 189 -22.16 -18.05 22.67
C LEU B 189 -22.07 -19.47 22.12
N TRP B 190 -20.92 -19.78 21.53
CA TRP B 190 -20.72 -21.00 20.76
C TRP B 190 -19.83 -21.98 21.51
N ASP B 191 -19.76 -23.19 20.97
CA ASP B 191 -18.85 -24.23 21.44
C ASP B 191 -18.09 -24.72 20.21
N ILE B 192 -16.78 -24.45 20.17
CA ILE B 192 -16.02 -24.65 18.96
C ILE B 192 -15.87 -26.14 18.64
N GLU B 193 -15.71 -26.99 19.66
CA GLU B 193 -15.59 -28.42 19.42
C GLU B 193 -16.80 -28.97 18.69
N THR B 194 -18.00 -28.68 19.20
CA THR B 194 -19.22 -29.18 18.59
C THR B 194 -19.78 -28.27 17.51
N GLY B 195 -19.44 -26.98 17.54
CA GLY B 195 -19.88 -26.07 16.50
C GLY B 195 -21.31 -25.60 16.61
N GLN B 196 -21.92 -25.70 17.79
CA GLN B 196 -23.33 -25.37 17.97
C GLN B 196 -23.49 -24.35 19.09
N GLN B 197 -24.52 -23.51 18.96
CA GLN B 197 -24.75 -22.39 19.87
C GLN B 197 -25.05 -22.92 21.27
N THR B 198 -24.12 -22.73 22.20
CA THR B 198 -24.40 -23.05 23.59
C THR B 198 -25.50 -22.16 24.15
N THR B 199 -25.46 -20.86 23.85
CA THR B 199 -26.44 -19.92 24.38
C THR B 199 -26.79 -18.89 23.32
N THR B 200 -28.01 -18.36 23.41
CA THR B 200 -28.46 -17.29 22.53
C THR B 200 -28.98 -16.15 23.39
N PHE B 201 -28.52 -14.93 23.10
CA PHE B 201 -28.91 -13.74 23.84
C PHE B 201 -29.80 -12.89 22.94
N THR B 202 -31.07 -12.74 23.34
CA THR B 202 -32.03 -11.93 22.62
C THR B 202 -32.58 -10.84 23.53
N GLY B 203 -33.10 -9.78 22.91
CA GLY B 203 -33.67 -8.68 23.66
C GLY B 203 -33.43 -7.33 23.03
N HIS B 204 -32.42 -7.24 22.17
CA HIS B 204 -32.21 -6.01 21.43
C HIS B 204 -33.30 -5.82 20.38
N THR B 205 -33.32 -4.65 19.77
CA THR B 205 -34.28 -4.31 18.72
C THR B 205 -33.63 -4.05 17.38
N GLY B 206 -32.46 -3.41 17.36
CA GLY B 206 -31.72 -3.17 16.14
C GLY B 206 -30.50 -4.07 16.03
N ASP B 207 -29.72 -3.83 14.98
CA ASP B 207 -28.50 -4.59 14.77
C ASP B 207 -27.56 -4.40 15.94
N VAL B 208 -26.87 -5.46 16.33
CA VAL B 208 -25.89 -5.38 17.41
C VAL B 208 -24.53 -5.15 16.78
N MET B 209 -23.91 -4.02 17.11
CA MET B 209 -22.75 -3.56 16.37
C MET B 209 -21.41 -3.82 17.07
N SER B 210 -21.43 -4.14 18.36
CA SER B 210 -20.19 -4.39 19.08
C SER B 210 -20.51 -5.06 20.40
N LEU B 211 -19.50 -5.71 20.97
CA LEU B 211 -19.58 -6.27 22.32
C LEU B 211 -18.21 -6.19 22.96
N SER B 212 -18.20 -6.27 24.29
CA SER B 212 -16.96 -6.22 25.05
C SER B 212 -17.06 -7.19 26.22
N LEU B 213 -16.05 -8.03 26.39
CA LEU B 213 -16.02 -8.99 27.48
C LEU B 213 -15.51 -8.34 28.75
N ALA B 214 -16.05 -8.76 29.89
CA ALA B 214 -15.55 -8.31 31.16
C ALA B 214 -14.18 -8.91 31.42
N PRO B 215 -13.35 -8.25 32.23
CA PRO B 215 -12.00 -8.81 32.51
C PRO B 215 -12.03 -10.21 33.09
N ASP B 216 -13.03 -10.52 33.93
CA ASP B 216 -13.17 -11.86 34.49
C ASP B 216 -13.98 -12.79 33.60
N THR B 217 -14.46 -12.31 32.46
CA THR B 217 -15.26 -13.11 31.50
C THR B 217 -16.49 -13.71 32.17
N ARG B 218 -17.06 -13.00 33.14
CA ARG B 218 -18.30 -13.40 33.77
C ARG B 218 -19.51 -12.71 33.16
N LEU B 219 -19.34 -11.51 32.60
CA LEU B 219 -20.41 -10.75 31.97
C LEU B 219 -19.88 -10.16 30.68
N PHE B 220 -20.78 -9.58 29.89
CA PHE B 220 -20.34 -8.77 28.76
C PHE B 220 -21.42 -7.75 28.44
N VAL B 221 -21.06 -6.76 27.64
CA VAL B 221 -21.97 -5.69 27.25
C VAL B 221 -22.08 -5.67 25.74
N SER B 222 -23.28 -5.39 25.25
CA SER B 222 -23.52 -5.27 23.83
C SER B 222 -24.18 -3.93 23.54
N GLY B 223 -23.78 -3.30 22.44
CA GLY B 223 -24.37 -2.05 21.99
C GLY B 223 -25.05 -2.26 20.64
N ALA B 224 -26.28 -1.78 20.54
CA ALA B 224 -27.07 -2.06 19.35
C ALA B 224 -27.42 -0.78 18.61
N CYS B 225 -28.05 -0.94 17.44
CA CYS B 225 -28.49 0.17 16.64
C CYS B 225 -29.79 0.79 17.14
N ASP B 226 -30.41 0.23 18.18
CA ASP B 226 -31.54 0.84 18.84
C ASP B 226 -31.12 1.86 19.89
N ALA B 227 -29.87 2.34 19.80
CA ALA B 227 -29.33 3.36 20.71
C ALA B 227 -29.36 2.90 22.16
N SER B 228 -29.13 1.60 22.38
CA SER B 228 -29.15 1.05 23.72
C SER B 228 -28.03 0.04 23.90
N ALA B 229 -27.61 -0.12 25.15
CA ALA B 229 -26.64 -1.12 25.54
C ALA B 229 -27.26 -2.06 26.56
N LYS B 230 -26.83 -3.31 26.55
CA LYS B 230 -27.34 -4.31 27.47
C LYS B 230 -26.19 -5.05 28.12
N LEU B 231 -26.39 -5.44 29.37
CA LEU B 231 -25.38 -6.18 30.13
C LEU B 231 -25.88 -7.62 30.28
N TRP B 232 -25.23 -8.55 29.59
CA TRP B 232 -25.59 -9.95 29.60
C TRP B 232 -24.69 -10.74 30.52
N ASP B 233 -25.27 -11.76 31.15
CA ASP B 233 -24.55 -12.72 31.95
C ASP B 233 -24.23 -13.94 31.10
N VAL B 234 -22.96 -14.34 31.09
CA VAL B 234 -22.53 -15.46 30.24
C VAL B 234 -23.30 -16.72 30.60
N ARG B 235 -23.42 -17.00 31.89
CA ARG B 235 -24.31 -18.05 32.35
C ARG B 235 -25.74 -17.52 32.47
N GLU B 236 -26.69 -18.43 32.32
CA GLU B 236 -28.12 -18.16 32.47
C GLU B 236 -28.69 -17.34 31.30
N GLY B 237 -27.82 -16.84 30.43
CA GLY B 237 -28.29 -16.18 29.20
C GLY B 237 -29.33 -15.11 29.43
N MET B 238 -29.13 -14.26 30.43
CA MET B 238 -30.14 -13.29 30.84
C MET B 238 -29.55 -11.89 30.81
N CYS B 239 -30.41 -10.90 30.54
CA CYS B 239 -30.00 -9.50 30.48
C CYS B 239 -30.12 -8.90 31.87
N ARG B 240 -29.00 -8.52 32.46
CA ARG B 240 -29.01 -7.93 33.80
C ARG B 240 -29.60 -6.52 33.76
N GLN B 241 -28.96 -5.62 33.03
CA GLN B 241 -29.37 -4.22 33.02
C GLN B 241 -29.37 -3.69 31.59
N THR B 242 -30.14 -2.63 31.38
CA THR B 242 -30.23 -1.94 30.10
C THR B 242 -29.91 -0.47 30.30
N PHE B 243 -29.05 0.07 29.45
CA PHE B 243 -28.59 1.44 29.54
C PHE B 243 -28.99 2.20 28.28
N THR B 244 -29.55 3.39 28.47
CA THR B 244 -29.93 4.28 27.38
C THR B 244 -29.32 5.65 27.65
N GLY B 245 -29.49 6.56 26.68
CA GLY B 245 -28.94 7.89 26.81
C GLY B 245 -28.38 8.41 25.50
N HIS B 246 -27.99 7.50 24.61
CA HIS B 246 -27.51 7.89 23.30
C HIS B 246 -28.67 8.35 22.42
N GLU B 247 -28.33 8.98 21.31
CA GLU B 247 -29.32 9.49 20.37
C GLU B 247 -29.39 8.72 19.07
N SER B 248 -28.35 7.96 18.72
CA SER B 248 -28.30 7.26 17.44
C SER B 248 -27.64 5.90 17.67
N ASP B 249 -27.29 5.24 16.58
CA ASP B 249 -26.72 3.90 16.64
C ASP B 249 -25.40 3.90 17.41
N ILE B 250 -25.18 2.85 18.19
CA ILE B 250 -23.96 2.68 18.96
C ILE B 250 -23.01 1.79 18.17
N ASN B 251 -21.78 2.27 17.97
CA ASN B 251 -20.82 1.57 17.13
C ASN B 251 -19.67 0.93 17.89
N ALA B 252 -19.39 1.38 19.12
CA ALA B 252 -18.25 0.89 19.87
C ALA B 252 -18.62 0.78 21.34
N ILE B 253 -17.85 -0.04 22.06
CA ILE B 253 -18.07 -0.27 23.48
C ILE B 253 -16.78 -0.83 24.06
N CYS B 254 -16.57 -0.58 25.35
CA CYS B 254 -15.34 -1.02 26.01
C CYS B 254 -15.53 -0.96 27.52
N PHE B 255 -15.16 -2.04 28.21
CA PHE B 255 -15.19 -2.06 29.66
C PHE B 255 -14.07 -1.21 30.26
N PHE B 256 -14.37 -0.60 31.40
CA PHE B 256 -13.34 0.01 32.22
C PHE B 256 -12.42 -1.08 32.76
N PRO B 257 -11.14 -0.78 32.97
CA PRO B 257 -10.24 -1.81 33.52
C PRO B 257 -10.69 -2.36 34.85
N ASN B 258 -11.36 -1.53 35.67
CA ASN B 258 -11.90 -2.02 36.94
C ASN B 258 -12.97 -3.09 36.72
N GLY B 259 -13.63 -3.08 35.57
CA GLY B 259 -14.73 -4.00 35.31
C GLY B 259 -16.05 -3.55 35.86
N ASN B 260 -16.15 -2.34 36.41
CA ASN B 260 -17.37 -1.85 37.02
C ASN B 260 -17.97 -0.67 36.26
N ALA B 261 -17.51 -0.42 35.03
CA ALA B 261 -18.04 0.67 34.23
C ALA B 261 -17.65 0.39 32.78
N PHE B 262 -18.29 1.11 31.86
CA PHE B 262 -17.95 0.97 30.45
C PHE B 262 -18.22 2.27 29.72
N ALA B 263 -17.76 2.33 28.47
CA ALA B 263 -17.90 3.51 27.63
C ALA B 263 -18.41 3.10 26.26
N THR B 264 -19.26 3.94 25.69
CA THR B 264 -19.90 3.67 24.40
C THR B 264 -19.72 4.87 23.49
N GLY B 265 -19.46 4.59 22.22
CA GLY B 265 -19.43 5.61 21.19
C GLY B 265 -20.54 5.38 20.19
N SER B 266 -21.10 6.48 19.66
CA SER B 266 -22.26 6.39 18.79
C SER B 266 -22.10 7.37 17.63
N ASP B 267 -23.17 7.49 16.84
CA ASP B 267 -23.15 8.28 15.62
C ASP B 267 -23.46 9.76 15.86
N ASP B 268 -23.88 10.14 17.06
CA ASP B 268 -24.14 11.54 17.39
C ASP B 268 -22.88 12.26 17.87
N ALA B 269 -21.70 11.73 17.55
CA ALA B 269 -20.42 12.38 17.85
C ALA B 269 -20.23 12.60 19.34
N THR B 270 -20.65 11.63 20.15
CA THR B 270 -20.47 11.72 21.58
C THR B 270 -20.14 10.35 22.15
N CYS B 271 -19.35 10.35 23.23
CA CYS B 271 -19.07 9.16 24.01
C CYS B 271 -19.78 9.26 25.35
N ARG B 272 -20.16 8.12 25.91
CA ARG B 272 -20.79 8.11 27.22
C ARG B 272 -20.14 7.05 28.11
N LEU B 273 -19.89 7.43 29.35
CA LEU B 273 -19.37 6.53 30.38
C LEU B 273 -20.49 6.21 31.34
N PHE B 274 -20.86 4.92 31.39
CA PHE B 274 -21.89 4.37 32.27
C PHE B 274 -21.23 3.56 33.37
N ASP B 275 -21.91 3.50 34.52
CA ASP B 275 -21.47 2.69 35.66
C ASP B 275 -22.46 1.57 35.90
N LEU B 276 -21.95 0.37 36.15
CA LEU B 276 -22.82 -0.79 36.33
C LEU B 276 -23.58 -0.72 37.64
N ARG B 277 -22.89 -0.41 38.74
CA ARG B 277 -23.52 -0.47 40.06
C ARG B 277 -24.55 0.64 40.24
N ALA B 278 -24.18 1.87 39.87
CA ALA B 278 -25.14 2.97 39.92
C ALA B 278 -26.27 2.80 38.91
N ASP B 279 -26.09 1.95 37.91
CA ASP B 279 -27.13 1.61 36.93
C ASP B 279 -27.63 2.85 36.21
N GLN B 280 -26.72 3.76 35.88
CA GLN B 280 -27.10 4.97 35.15
C GLN B 280 -25.85 5.59 34.55
N GLU B 281 -26.09 6.61 33.72
CA GLU B 281 -25.00 7.34 33.07
C GLU B 281 -24.16 8.10 34.08
N LEU B 282 -22.85 8.06 33.89
CA LEU B 282 -21.93 8.85 34.71
C LEU B 282 -21.47 10.12 34.01
N MET B 283 -21.00 10.02 32.77
CA MET B 283 -20.43 11.21 32.13
C MET B 283 -20.58 11.12 30.62
N THR B 284 -20.49 12.28 29.97
CA THR B 284 -20.53 12.38 28.51
C THR B 284 -19.31 13.14 28.01
N TYR B 285 -18.81 12.73 26.84
CA TYR B 285 -17.64 13.31 26.20
C TYR B 285 -18.07 13.79 24.82
N SER B 286 -18.26 15.10 24.67
CA SER B 286 -18.68 15.66 23.39
C SER B 286 -18.00 17.02 23.23
N HIS B 287 -17.91 17.45 21.97
CA HIS B 287 -17.32 18.74 21.64
C HIS B 287 -18.11 19.37 20.51
N ASP B 288 -18.07 20.70 20.46
CA ASP B 288 -18.86 21.42 19.47
C ASP B 288 -18.25 21.32 18.08
N ASN B 289 -16.96 21.06 17.99
CA ASN B 289 -16.27 20.98 16.71
C ASN B 289 -16.33 19.59 16.09
N ILE B 290 -16.87 18.61 16.79
CA ILE B 290 -16.99 17.24 16.29
C ILE B 290 -18.45 16.98 15.94
N ILE B 291 -18.69 16.57 14.70
CA ILE B 291 -20.05 16.33 14.22
C ILE B 291 -20.13 14.94 13.60
N CYS B 292 -18.97 14.32 13.35
CA CYS B 292 -18.92 13.01 12.73
C CYS B 292 -19.00 11.91 13.79
N GLY B 293 -19.47 10.75 13.36
CA GLY B 293 -19.69 9.65 14.28
C GLY B 293 -18.39 9.04 14.77
N ILE B 294 -18.53 8.13 15.72
CA ILE B 294 -17.41 7.46 16.37
C ILE B 294 -17.40 6.00 15.94
N THR B 295 -16.24 5.51 15.52
CA THR B 295 -16.10 4.15 15.03
C THR B 295 -15.53 3.18 16.05
N SER B 296 -14.66 3.64 16.95
CA SER B 296 -13.99 2.74 17.88
C SER B 296 -13.70 3.47 19.18
N VAL B 297 -13.59 2.68 20.25
CA VAL B 297 -13.38 3.19 21.60
C VAL B 297 -12.50 2.19 22.35
N SER B 298 -11.55 2.70 23.13
CA SER B 298 -10.80 1.87 24.05
C SER B 298 -10.28 2.72 25.19
N PHE B 299 -9.88 2.06 26.26
CA PHE B 299 -9.39 2.73 27.47
C PHE B 299 -7.88 2.61 27.54
N SER B 300 -7.30 3.28 28.54
CA SER B 300 -5.88 3.17 28.82
C SER B 300 -5.66 2.06 29.86
N LYS B 301 -4.40 1.80 30.20
CA LYS B 301 -4.11 0.75 31.16
C LYS B 301 -4.69 1.06 32.52
N SER B 302 -4.56 2.31 32.98
CA SER B 302 -5.10 2.72 34.27
C SER B 302 -6.53 3.22 34.19
N GLY B 303 -7.07 3.42 32.99
CA GLY B 303 -8.40 3.95 32.85
C GLY B 303 -8.51 5.46 32.91
N ARG B 304 -7.39 6.16 32.98
CA ARG B 304 -7.43 7.62 33.04
C ARG B 304 -7.68 8.25 31.67
N LEU B 305 -7.24 7.60 30.61
CA LEU B 305 -7.41 8.12 29.26
C LEU B 305 -8.46 7.32 28.51
N LEU B 306 -9.14 7.99 27.59
CA LEU B 306 -10.15 7.37 26.74
C LEU B 306 -9.80 7.67 25.29
N LEU B 307 -9.55 6.63 24.50
CA LEU B 307 -9.18 6.76 23.10
C LEU B 307 -10.42 6.54 22.24
N ALA B 308 -10.66 7.44 21.29
CA ALA B 308 -11.82 7.32 20.43
C ALA B 308 -11.45 7.66 19.00
N GLY B 309 -11.89 6.83 18.06
CA GLY B 309 -11.65 7.07 16.64
C GLY B 309 -12.89 7.63 15.98
N TYR B 310 -12.69 8.60 15.10
CA TYR B 310 -13.78 9.35 14.51
C TYR B 310 -13.75 9.24 12.99
N ASP B 311 -14.80 9.77 12.35
CA ASP B 311 -14.85 9.83 10.89
C ASP B 311 -14.12 11.04 10.31
N ASP B 312 -13.72 12.01 11.15
CA ASP B 312 -12.97 13.16 10.68
C ASP B 312 -11.49 12.88 10.52
N PHE B 313 -11.15 11.61 10.37
CA PHE B 313 -9.86 11.06 9.95
C PHE B 313 -8.82 10.99 11.06
N ASN B 314 -9.16 11.36 12.30
CA ASN B 314 -8.17 11.34 13.37
C ASN B 314 -8.78 10.80 14.65
N CYS B 315 -7.91 10.49 15.61
CA CYS B 315 -8.31 9.96 16.90
C CYS B 315 -8.19 11.02 17.98
N ASN B 316 -8.99 10.88 19.03
CA ASN B 316 -9.01 11.83 20.14
C ASN B 316 -8.75 11.11 21.45
N VAL B 317 -7.89 11.70 22.27
CA VAL B 317 -7.58 11.21 23.60
C VAL B 317 -8.23 12.16 24.59
N TRP B 318 -9.22 11.64 25.32
CA TRP B 318 -9.98 12.38 26.31
C TRP B 318 -9.54 12.01 27.71
N ASP B 319 -9.66 12.95 28.64
CA ASP B 319 -9.50 12.63 30.06
C ASP B 319 -10.78 11.98 30.55
N ALA B 320 -10.67 10.75 31.05
CA ALA B 320 -11.86 10.00 31.46
C ALA B 320 -12.54 10.61 32.68
N LEU B 321 -11.82 11.41 33.47
CA LEU B 321 -12.38 12.00 34.67
C LEU B 321 -12.74 13.47 34.53
N LYS B 322 -12.35 14.12 33.43
CA LYS B 322 -12.61 15.53 33.22
C LYS B 322 -13.48 15.83 32.00
N ALA B 323 -13.51 14.93 31.01
CA ALA B 323 -14.30 15.10 29.79
C ALA B 323 -13.82 16.26 28.93
N ASP B 324 -12.50 16.43 28.84
CA ASP B 324 -11.90 17.40 27.93
C ASP B 324 -10.75 16.74 27.18
N ARG B 325 -10.62 17.08 25.90
CA ARG B 325 -9.61 16.43 25.08
C ARG B 325 -8.22 16.71 25.62
N ALA B 326 -7.43 15.64 25.79
CA ALA B 326 -6.05 15.76 26.21
C ALA B 326 -5.07 15.52 25.07
N GLY B 327 -5.53 15.02 23.93
CA GLY B 327 -4.61 14.87 22.81
C GLY B 327 -5.34 14.51 21.54
N VAL B 328 -4.61 14.61 20.43
CA VAL B 328 -5.13 14.27 19.11
C VAL B 328 -4.09 13.43 18.39
N LEU B 329 -4.54 12.33 17.80
CA LEU B 329 -3.69 11.40 17.05
C LEU B 329 -4.11 11.49 15.59
N ALA B 330 -3.43 12.34 14.84
CA ALA B 330 -3.70 12.54 13.42
C ALA B 330 -2.57 11.98 12.59
N GLY B 331 -2.89 11.65 11.34
CA GLY B 331 -1.92 11.00 10.47
C GLY B 331 -2.51 9.95 9.56
N HIS B 332 -3.82 9.73 9.67
CA HIS B 332 -4.52 8.81 8.79
C HIS B 332 -5.27 9.59 7.72
N ASP B 333 -5.21 9.10 6.49
CA ASP B 333 -5.80 9.79 5.35
C ASP B 333 -7.26 9.42 5.12
N ASN B 334 -7.82 8.52 5.91
CA ASN B 334 -9.21 8.13 5.75
C ASN B 334 -9.77 7.79 7.13
N ARG B 335 -11.04 7.39 7.15
CA ARG B 335 -11.75 7.13 8.40
C ARG B 335 -11.00 6.10 9.24
N VAL B 336 -10.82 6.40 10.52
CA VAL B 336 -10.17 5.47 11.45
C VAL B 336 -11.21 4.43 11.86
N SER B 337 -10.95 3.17 11.51
CA SER B 337 -11.96 2.13 11.67
C SER B 337 -11.71 1.21 12.84
N CYS B 338 -10.45 1.02 13.26
CA CYS B 338 -10.17 0.12 14.38
C CYS B 338 -9.09 0.74 15.27
N LEU B 339 -9.12 0.37 16.54
CA LEU B 339 -8.26 1.00 17.53
C LEU B 339 -8.13 0.08 18.73
N GLY B 340 -6.90 -0.12 19.20
CA GLY B 340 -6.66 -1.02 20.30
C GLY B 340 -5.46 -0.61 21.13
N VAL B 341 -5.46 -1.04 22.39
CA VAL B 341 -4.40 -0.75 23.34
C VAL B 341 -3.84 -2.07 23.88
N THR B 342 -2.52 -2.14 24.00
CA THR B 342 -1.88 -3.36 24.46
C THR B 342 -2.24 -3.63 25.92
N ASP B 343 -1.97 -4.87 26.35
CA ASP B 343 -2.32 -5.27 27.70
C ASP B 343 -1.40 -4.67 28.76
N ASP B 344 -0.20 -4.24 28.38
CA ASP B 344 0.68 -3.56 29.31
C ASP B 344 0.71 -2.05 29.11
N GLY B 345 -0.05 -1.53 28.16
CA GLY B 345 -0.16 -0.10 27.97
C GLY B 345 0.98 0.56 27.22
N MET B 346 1.88 -0.21 26.63
CA MET B 346 3.02 0.38 25.93
C MET B 346 2.56 1.23 24.76
N ALA B 347 1.72 0.68 23.89
CA ALA B 347 1.44 1.29 22.60
C ALA B 347 -0.06 1.26 22.30
N VAL B 348 -0.45 2.05 21.31
CA VAL B 348 -1.81 2.08 20.79
C VAL B 348 -1.74 1.84 19.28
N ALA B 349 -2.48 0.87 18.79
CA ALA B 349 -2.52 0.59 17.36
C ALA B 349 -3.83 1.10 16.77
N THR B 350 -3.73 1.91 15.73
CA THR B 350 -4.91 2.45 15.05
C THR B 350 -4.85 2.07 13.58
N GLY B 351 -5.95 1.59 13.05
CA GLY B 351 -6.05 1.25 11.64
C GLY B 351 -7.22 1.96 11.00
N SER B 352 -7.01 2.41 9.76
CA SER B 352 -7.96 3.26 9.06
C SER B 352 -8.26 2.66 7.70
N TRP B 353 -9.09 3.38 6.94
CA TRP B 353 -9.55 2.91 5.64
C TRP B 353 -8.56 3.14 4.51
N ASP B 354 -7.39 3.71 4.81
CA ASP B 354 -6.34 3.87 3.82
C ASP B 354 -5.37 2.70 3.81
N SER B 355 -5.71 1.60 4.50
CA SER B 355 -4.96 0.34 4.45
C SER B 355 -3.62 0.45 5.15
N PHE B 356 -3.55 1.21 6.24
CA PHE B 356 -2.36 1.30 7.05
C PHE B 356 -2.73 1.18 8.53
N LEU B 357 -1.84 0.55 9.29
CA LEU B 357 -1.93 0.55 10.75
C LEU B 357 -0.75 1.33 11.29
N LYS B 358 -0.99 2.07 12.37
CA LYS B 358 0.06 2.87 12.99
C LYS B 358 0.13 2.55 14.47
N ILE B 359 1.34 2.33 14.95
CA ILE B 359 1.62 2.12 16.36
C ILE B 359 2.07 3.45 16.95
N TRP B 360 1.42 3.88 18.02
CA TRP B 360 1.67 5.16 18.66
C TRP B 360 2.15 4.92 20.07
N ASN B 361 3.06 5.78 20.53
CA ASN B 361 3.62 5.63 21.86
C ASN B 361 4.11 6.97 22.37
N ILE C 9 -48.92 -10.75 21.80
CA ILE C 9 -49.23 -10.60 23.21
C ILE C 9 -48.08 -11.14 24.06
N ALA C 10 -47.47 -12.23 23.59
CA ALA C 10 -46.35 -12.82 24.34
C ALA C 10 -45.17 -11.87 24.41
N GLN C 11 -45.01 -10.99 23.42
CA GLN C 11 -43.94 -10.01 23.48
C GLN C 11 -44.13 -9.05 24.65
N ALA C 12 -45.37 -8.60 24.87
CA ALA C 12 -45.65 -7.72 25.99
C ALA C 12 -45.40 -8.42 27.32
N ARG C 13 -45.81 -9.68 27.43
CA ARG C 13 -45.61 -10.43 28.67
C ARG C 13 -44.13 -10.64 28.96
N LYS C 14 -43.36 -10.98 27.92
CA LYS C 14 -41.93 -11.15 28.10
C LYS C 14 -41.26 -9.83 28.49
N LEU C 15 -41.68 -8.73 27.87
CA LEU C 15 -41.11 -7.43 28.21
C LEU C 15 -41.44 -7.05 29.65
N VAL C 16 -42.65 -7.35 30.10
CA VAL C 16 -43.03 -7.05 31.47
C VAL C 16 -42.21 -7.89 32.45
N GLU C 17 -42.02 -9.18 32.14
CA GLU C 17 -41.17 -10.01 32.98
C GLU C 17 -39.75 -9.45 33.06
N GLN C 18 -39.20 -9.05 31.91
CA GLN C 18 -37.85 -8.51 31.89
C GLN C 18 -37.74 -7.23 32.70
N LEU C 19 -38.73 -6.34 32.57
CA LEU C 19 -38.70 -5.09 33.33
C LEU C 19 -38.85 -5.35 34.82
N LYS C 20 -39.71 -6.29 35.19
CA LYS C 20 -39.86 -6.64 36.61
C LYS C 20 -38.55 -7.17 37.17
N MET C 21 -37.85 -8.03 36.43
CA MET C 21 -36.58 -8.53 36.92
C MET C 21 -35.47 -7.48 36.91
N GLU C 22 -35.55 -6.51 35.99
CA GLU C 22 -34.55 -5.46 35.93
C GLU C 22 -34.77 -4.37 36.97
N ALA C 23 -35.98 -4.27 37.52
CA ALA C 23 -36.28 -3.27 38.54
C ALA C 23 -36.05 -3.78 39.96
N ASN C 24 -35.12 -4.72 40.14
CA ASN C 24 -34.78 -5.29 41.44
C ASN C 24 -33.27 -5.29 41.64
N ILE C 25 -32.64 -4.14 41.40
CA ILE C 25 -31.20 -4.02 41.44
C ILE C 25 -30.80 -3.29 42.72
N ASP C 26 -29.80 -3.81 43.42
CA ASP C 26 -29.24 -3.16 44.60
C ASP C 26 -28.34 -2.03 44.13
N ARG C 27 -28.92 -0.86 43.95
CA ARG C 27 -28.20 0.26 43.38
C ARG C 27 -27.23 0.86 44.41
N ILE C 28 -26.53 1.92 43.98
CA ILE C 28 -25.49 2.57 44.77
C ILE C 28 -25.47 4.05 44.38
N LYS C 29 -25.19 4.90 45.36
CA LYS C 29 -25.13 6.33 45.09
C LYS C 29 -24.05 6.65 44.06
N VAL C 30 -24.33 7.66 43.23
CA VAL C 30 -23.40 8.03 42.16
C VAL C 30 -22.08 8.51 42.74
N SER C 31 -22.13 9.19 43.89
CA SER C 31 -20.91 9.71 44.50
C SER C 31 -19.96 8.58 44.87
N LYS C 32 -20.49 7.47 45.39
CA LYS C 32 -19.65 6.34 45.76
C LYS C 32 -18.98 5.72 44.54
N ALA C 33 -19.72 5.56 43.45
CA ALA C 33 -19.14 5.02 42.22
C ALA C 33 -18.08 5.96 41.66
N ALA C 34 -18.34 7.25 41.70
CA ALA C 34 -17.34 8.23 41.25
C ALA C 34 -16.08 8.15 42.09
N ALA C 35 -16.22 8.03 43.41
CA ALA C 35 -15.07 7.90 44.29
C ALA C 35 -14.29 6.62 44.00
N ASP C 36 -15.00 5.53 43.74
CA ASP C 36 -14.32 4.27 43.42
C ASP C 36 -13.54 4.37 42.12
N LEU C 37 -14.12 5.00 41.10
CA LEU C 37 -13.40 5.20 39.84
C LEU C 37 -12.18 6.08 40.05
N MET C 38 -12.33 7.15 40.84
CA MET C 38 -11.18 8.01 41.13
C MET C 38 -10.08 7.25 41.84
N ALA C 39 -10.45 6.41 42.82
CA ALA C 39 -9.46 5.64 43.56
C ALA C 39 -8.74 4.66 42.65
N TYR C 40 -9.46 3.98 41.77
CA TYR C 40 -8.79 3.05 40.86
C TYR C 40 -7.86 3.78 39.90
N CYS C 41 -8.30 4.92 39.37
CA CYS C 41 -7.42 5.68 38.48
C CYS C 41 -6.19 6.21 39.20
N GLU C 42 -6.33 6.53 40.49
CA GLU C 42 -5.20 7.05 41.26
C GLU C 42 -4.21 5.94 41.61
N ALA C 43 -4.72 4.77 41.99
CA ALA C 43 -3.85 3.71 42.48
C ALA C 43 -2.90 3.21 41.38
N HIS C 44 -3.41 3.06 40.16
CA HIS C 44 -2.62 2.53 39.05
C HIS C 44 -2.04 3.62 38.16
N ALA C 45 -1.78 4.80 38.73
CA ALA C 45 -1.30 5.91 37.92
C ALA C 45 0.13 5.70 37.46
N LYS C 46 0.97 5.12 38.33
CA LYS C 46 2.38 4.93 37.99
C LYS C 46 2.60 3.83 36.97
N GLU C 47 1.62 2.97 36.76
CA GLU C 47 1.77 1.83 35.85
C GLU C 47 1.15 2.08 34.48
N ASP C 48 0.96 3.36 34.10
CA ASP C 48 0.35 3.70 32.83
C ASP C 48 1.38 4.33 31.91
N PRO C 49 1.98 3.57 30.99
CA PRO C 49 3.00 4.16 30.10
C PRO C 49 2.49 5.26 29.22
N LEU C 50 1.19 5.27 28.88
CA LEU C 50 0.66 6.34 28.06
C LEU C 50 0.44 7.61 28.87
N LEU C 51 0.06 7.46 30.14
CA LEU C 51 -0.15 8.62 31.00
C LEU C 51 1.18 9.22 31.43
N THR C 52 2.13 8.38 31.80
CA THR C 52 3.46 8.79 32.28
C THR C 52 4.50 8.08 31.44
N PRO C 53 4.93 8.66 30.33
CA PRO C 53 5.85 7.96 29.42
C PRO C 53 7.12 7.51 30.11
N VAL C 54 7.55 6.29 29.79
CA VAL C 54 8.75 5.70 30.37
C VAL C 54 9.96 6.13 29.55
N PRO C 55 11.17 6.12 30.12
CA PRO C 55 12.34 6.51 29.34
C PRO C 55 12.58 5.55 28.18
N ALA C 56 13.42 6.01 27.24
CA ALA C 56 13.65 5.26 26.01
C ALA C 56 14.43 3.98 26.23
N SER C 57 14.98 3.75 27.43
CA SER C 57 15.77 2.55 27.66
C SER C 57 14.90 1.30 27.64
N GLU C 58 13.75 1.34 28.32
CA GLU C 58 12.86 0.18 28.39
C GLU C 58 11.57 0.42 27.59
N ASN C 59 11.69 1.12 26.47
CA ASN C 59 10.57 1.31 25.56
C ASN C 59 10.76 0.36 24.38
N PRO C 60 9.93 -0.68 24.25
CA PRO C 60 10.13 -1.63 23.15
C PRO C 60 9.95 -1.04 21.76
N PHE C 61 9.28 0.10 21.65
CA PHE C 61 9.07 0.78 20.38
C PHE C 61 9.95 2.02 20.31
N ARG C 62 10.67 2.17 19.21
CA ARG C 62 11.56 3.32 19.02
C ARG C 62 11.15 4.13 17.81
N SER D 178 32.29 44.74 -46.82
CA SER D 178 33.63 45.26 -46.54
C SER D 178 34.05 45.12 -45.07
N PRO D 179 33.20 45.48 -44.12
CA PRO D 179 33.53 45.22 -42.70
C PRO D 179 33.50 43.74 -42.41
N PRO D 180 34.00 43.30 -41.25
CA PRO D 180 33.96 41.86 -40.93
C PRO D 180 32.58 41.44 -40.46
N CYS D 181 31.53 41.93 -41.13
CA CYS D 181 30.12 41.70 -40.87
C CYS D 181 29.89 41.51 -39.38
N PRO D 182 30.13 42.52 -38.56
CA PRO D 182 30.13 42.32 -37.10
C PRO D 182 28.77 41.90 -36.58
N GLN D 183 28.76 40.83 -35.80
CA GLN D 183 27.54 40.38 -35.12
C GLN D 183 27.36 41.13 -33.80
N ASP D 184 27.45 42.45 -33.86
CA ASP D 184 27.37 43.26 -32.64
C ASP D 184 25.97 43.25 -32.07
N PHE D 185 24.98 43.66 -32.88
CA PHE D 185 23.61 43.80 -32.41
C PHE D 185 23.13 42.51 -31.74
N SER D 186 23.60 41.37 -32.23
CA SER D 186 23.24 40.09 -31.61
C SER D 186 23.70 40.02 -30.15
N LEU D 187 24.96 40.32 -29.88
CA LEU D 187 25.47 40.23 -28.51
C LEU D 187 24.90 41.34 -27.62
N ASN D 188 24.71 42.54 -28.16
CA ASN D 188 24.07 43.59 -27.37
C ASN D 188 22.64 43.21 -26.99
N PHE D 189 21.88 42.65 -27.94
CA PHE D 189 20.54 42.18 -27.62
C PHE D 189 20.58 41.05 -26.59
N ASP D 190 21.56 40.15 -26.72
CA ASP D 190 21.77 39.12 -25.73
C ASP D 190 21.89 39.72 -24.33
N ARG D 191 22.89 40.59 -24.14
CA ARG D 191 23.12 41.18 -22.83
C ARG D 191 21.93 42.01 -22.37
N ALA D 192 21.14 42.54 -23.30
CA ALA D 192 19.99 43.36 -22.92
C ALA D 192 18.84 42.53 -22.40
N PHE D 193 18.56 41.38 -23.03
CA PHE D 193 17.33 40.66 -22.77
C PHE D 193 17.49 39.34 -22.02
N LEU D 194 18.49 38.52 -22.35
CA LEU D 194 18.55 37.19 -21.77
C LEU D 194 18.64 37.14 -20.24
N PRO D 195 19.38 37.99 -19.53
CA PRO D 195 19.45 37.82 -18.07
C PRO D 195 18.09 37.87 -17.38
N ALA D 196 17.27 38.89 -17.66
CA ALA D 196 15.98 39.01 -16.99
C ALA D 196 15.04 37.87 -17.37
N LEU D 197 15.01 37.53 -18.65
CA LEU D 197 14.16 36.43 -19.11
C LEU D 197 14.54 35.12 -18.43
N TYR D 198 15.84 34.84 -18.39
CA TYR D 198 16.32 33.61 -17.76
C TYR D 198 15.98 33.59 -16.27
N SER D 199 16.14 34.73 -15.59
CA SER D 199 15.83 34.77 -14.16
C SER D 199 14.34 34.53 -13.92
N LEU D 200 13.48 35.17 -14.71
CA LEU D 200 12.05 34.99 -14.54
C LEU D 200 11.64 33.56 -14.82
N LEU D 201 12.17 32.97 -15.89
CA LEU D 201 11.86 31.58 -16.22
C LEU D 201 12.37 30.64 -15.13
N PHE D 202 13.55 30.93 -14.59
CA PHE D 202 14.08 30.16 -13.46
C PHE D 202 13.11 30.17 -12.29
N LEU D 203 12.67 31.36 -11.90
CA LEU D 203 11.79 31.46 -10.73
C LEU D 203 10.48 30.71 -10.96
N LEU D 204 9.84 30.94 -12.11
CA LEU D 204 8.57 30.28 -12.38
C LEU D 204 8.72 28.77 -12.49
N GLY D 205 9.78 28.31 -13.16
CA GLY D 205 9.98 26.87 -13.31
C GLY D 205 10.22 26.18 -11.99
N LEU D 206 11.11 26.74 -11.17
CA LEU D 206 11.31 26.19 -9.83
C LEU D 206 10.00 26.14 -9.06
N LEU D 207 9.27 27.27 -9.03
CA LEU D 207 8.03 27.31 -8.25
C LEU D 207 7.08 26.20 -8.69
N GLY D 208 6.69 26.21 -9.97
CA GLY D 208 5.68 25.26 -10.43
C GLY D 208 6.13 23.81 -10.34
N ASN D 209 7.30 23.50 -10.89
CA ASN D 209 7.75 22.12 -10.95
C ASN D 209 8.06 21.58 -9.55
N GLY D 210 8.61 22.42 -8.67
CA GLY D 210 8.82 21.98 -7.30
C GLY D 210 7.51 21.73 -6.58
N ALA D 211 6.51 22.58 -6.79
CA ALA D 211 5.20 22.32 -6.19
C ALA D 211 4.64 20.99 -6.66
N VAL D 212 4.74 20.72 -7.97
CA VAL D 212 4.20 19.48 -8.51
C VAL D 212 4.95 18.28 -7.95
N ALA D 213 6.28 18.35 -7.94
CA ALA D 213 7.07 17.24 -7.41
C ALA D 213 6.82 17.02 -5.93
N ALA D 214 6.58 18.09 -5.16
CA ALA D 214 6.29 17.94 -3.75
C ALA D 214 4.94 17.30 -3.53
N VAL D 215 3.92 17.73 -4.27
CA VAL D 215 2.59 17.13 -4.13
C VAL D 215 2.63 15.66 -4.49
N LEU D 216 3.33 15.31 -5.59
CA LEU D 216 3.34 13.92 -6.01
C LEU D 216 4.25 13.05 -5.15
N LEU D 217 5.28 13.63 -4.53
CA LEU D 217 6.24 12.82 -3.79
C LEU D 217 5.73 12.43 -2.41
N SER D 218 4.91 13.27 -1.78
CA SER D 218 4.39 12.95 -0.45
C SER D 218 3.51 11.71 -0.50
N ARG D 219 2.52 11.70 -1.39
CA ARG D 219 1.68 10.52 -1.62
C ARG D 219 2.22 9.71 -2.80
N ARG D 220 3.49 9.32 -2.67
CA ARG D 220 4.15 8.56 -3.72
C ARG D 220 3.55 7.18 -3.90
N THR D 221 2.88 6.65 -2.88
CA THR D 221 2.26 5.34 -2.98
C THR D 221 1.01 5.40 -3.85
N ALA D 222 0.76 4.31 -4.59
CA ALA D 222 -0.42 4.19 -5.45
C ALA D 222 -0.47 5.29 -6.50
N LEU D 223 0.69 5.61 -7.09
CA LEU D 223 0.74 6.53 -8.21
C LEU D 223 0.31 5.82 -9.49
N SER D 224 -0.51 6.50 -10.28
CA SER D 224 -0.82 5.98 -11.61
C SER D 224 0.39 6.08 -12.52
N SER D 225 0.31 5.43 -13.67
CA SER D 225 1.42 5.45 -14.62
C SER D 225 1.67 6.86 -15.13
N THR D 226 0.59 7.56 -15.52
CA THR D 226 0.74 8.94 -15.98
C THR D 226 1.24 9.84 -14.85
N ASP D 227 0.91 9.52 -13.61
CA ASP D 227 1.44 10.32 -12.50
C ASP D 227 2.92 10.08 -12.31
N THR D 228 3.38 8.84 -12.51
CA THR D 228 4.82 8.57 -12.45
C THR D 228 5.56 9.32 -13.56
N PHE D 229 5.03 9.27 -14.77
CA PHE D 229 5.65 10.01 -15.87
C PHE D 229 5.64 11.50 -15.60
N LEU D 230 4.56 12.01 -15.00
CA LEU D 230 4.48 13.43 -14.67
C LEU D 230 5.51 13.81 -13.62
N LEU D 231 5.73 12.94 -12.63
CA LEU D 231 6.76 13.20 -11.63
C LEU D 231 8.15 13.26 -12.26
N HIS D 232 8.44 12.30 -13.15
CA HIS D 232 9.74 12.33 -13.83
C HIS D 232 9.89 13.59 -14.69
N LEU D 233 8.83 13.98 -15.40
CA LEU D 233 8.89 15.18 -16.21
C LEU D 233 9.10 16.43 -15.35
N ALA D 234 8.42 16.49 -14.21
CA ALA D 234 8.61 17.60 -13.29
C ALA D 234 10.04 17.67 -12.79
N VAL D 235 10.64 16.52 -12.45
CA VAL D 235 12.03 16.50 -12.01
C VAL D 235 12.94 17.00 -13.11
N ALA D 236 12.73 16.52 -14.34
CA ALA D 236 13.59 16.94 -15.44
C ALA D 236 13.49 18.43 -15.71
N ASP D 237 12.27 18.98 -15.70
CA ASP D 237 12.11 20.41 -15.92
C ASP D 237 12.70 21.21 -14.77
N THR D 238 12.59 20.71 -13.54
CA THR D 238 13.20 21.38 -12.40
C THR D 238 14.71 21.47 -12.58
N LEU D 239 15.33 20.36 -12.97
CA LEU D 239 16.77 20.38 -13.19
C LEU D 239 17.16 21.33 -14.31
N LEU D 240 16.37 21.36 -15.38
CA LEU D 240 16.66 22.28 -16.48
C LEU D 240 16.63 23.73 -16.02
N VAL D 241 15.53 24.13 -15.37
CA VAL D 241 15.42 25.53 -14.96
C VAL D 241 16.39 25.85 -13.82
N LEU D 242 16.86 24.85 -13.08
CA LEU D 242 17.89 25.08 -12.08
C LEU D 242 19.24 25.32 -12.74
N THR D 243 19.52 24.63 -13.84
CA THR D 243 20.74 24.91 -14.60
C THR D 243 20.68 26.24 -15.33
N LEU D 244 19.47 26.72 -15.62
CA LEU D 244 19.30 27.95 -16.39
C LEU D 244 20.05 29.18 -15.85
N PRO D 245 20.08 29.46 -14.54
CA PRO D 245 20.75 30.69 -14.09
C PRO D 245 22.23 30.76 -14.41
N LEU D 246 22.91 29.63 -14.58
CA LEU D 246 24.30 29.68 -15.01
C LEU D 246 24.43 30.30 -16.40
N TRP D 247 23.55 29.91 -17.32
CA TRP D 247 23.53 30.55 -18.62
C TRP D 247 23.03 31.98 -18.53
N ALA D 248 22.20 32.29 -17.53
CA ALA D 248 21.84 33.69 -17.29
C ALA D 248 23.08 34.52 -16.97
N VAL D 249 23.94 33.99 -16.10
CA VAL D 249 25.18 34.68 -15.76
C VAL D 249 26.09 34.78 -16.98
N ASP D 250 26.19 33.69 -17.75
CA ASP D 250 27.00 33.70 -18.96
C ASP D 250 26.55 34.80 -19.91
N ALA D 251 25.24 34.89 -20.15
CA ALA D 251 24.71 35.96 -20.99
C ALA D 251 24.93 37.33 -20.39
N ALA D 252 24.95 37.42 -19.05
CA ALA D 252 25.14 38.69 -18.38
C ALA D 252 26.48 39.32 -18.74
N VAL D 253 27.59 38.70 -18.34
CA VAL D 253 28.90 39.26 -18.64
C VAL D 253 29.79 38.28 -19.41
N GLN D 254 30.18 37.18 -18.78
CA GLN D 254 31.09 36.20 -19.37
C GLN D 254 30.88 34.87 -18.64
N TRP D 255 31.79 33.93 -18.88
CA TRP D 255 31.82 32.64 -18.20
C TRP D 255 33.01 32.63 -17.25
N VAL D 256 32.73 32.55 -15.95
CA VAL D 256 33.76 32.64 -14.92
C VAL D 256 33.74 31.41 -14.03
N PHE D 257 33.36 30.26 -14.61
CA PHE D 257 33.15 29.04 -13.83
C PHE D 257 34.06 27.90 -14.27
N GLY D 258 35.08 28.16 -15.08
CA GLY D 258 35.98 27.10 -15.49
C GLY D 258 35.35 26.18 -16.52
N SER D 259 35.86 24.95 -16.56
CA SER D 259 35.43 23.96 -17.55
C SER D 259 34.65 22.79 -16.96
N GLY D 260 34.89 22.44 -15.70
CA GLY D 260 34.09 21.39 -15.08
C GLY D 260 32.63 21.77 -14.99
N LEU D 261 32.35 23.01 -14.58
CA LEU D 261 30.98 23.49 -14.57
C LEU D 261 30.42 23.57 -15.99
N CYS D 262 31.24 23.96 -16.96
CA CYS D 262 30.82 23.92 -18.36
C CYS D 262 30.29 22.55 -18.73
N LYS D 263 31.09 21.51 -18.47
CA LYS D 263 30.70 20.16 -18.86
C LYS D 263 29.45 19.72 -18.11
N VAL D 264 29.43 19.93 -16.80
CA VAL D 264 28.31 19.45 -15.99
C VAL D 264 27.01 20.15 -16.39
N ALA D 265 27.07 21.47 -16.55
CA ALA D 265 25.87 22.23 -16.90
C ALA D 265 25.38 21.87 -18.30
N GLY D 266 26.28 21.73 -19.27
CA GLY D 266 25.85 21.34 -20.60
C GLY D 266 25.21 19.97 -20.63
N ALA D 267 25.83 19.00 -19.94
CA ALA D 267 25.26 17.66 -19.88
C ALA D 267 23.88 17.67 -19.23
N LEU D 268 23.74 18.41 -18.13
CA LEU D 268 22.46 18.49 -17.45
C LEU D 268 21.41 19.11 -18.35
N PHE D 269 21.76 20.18 -19.07
CA PHE D 269 20.81 20.83 -19.95
C PHE D 269 20.34 19.87 -21.05
N ASN D 270 21.28 19.20 -21.72
CA ASN D 270 20.88 18.31 -22.80
C ASN D 270 20.07 17.13 -22.29
N ILE D 271 20.47 16.55 -21.15
CA ILE D 271 19.73 15.44 -20.57
C ILE D 271 18.30 15.88 -20.27
N ASN D 272 18.14 17.06 -19.67
CA ASN D 272 16.82 17.52 -19.29
C ASN D 272 15.94 17.80 -20.51
N PHE D 273 16.52 18.38 -21.56
CA PHE D 273 15.73 18.65 -22.77
C PHE D 273 15.26 17.36 -23.42
N TYR D 274 16.18 16.39 -23.57
CA TYR D 274 15.79 15.11 -24.17
C TYR D 274 14.78 14.38 -23.31
N ALA D 275 14.96 14.43 -21.99
CA ALA D 275 14.04 13.76 -21.08
C ALA D 275 12.65 14.40 -21.16
N GLY D 276 12.59 15.72 -21.24
CA GLY D 276 11.30 16.37 -21.38
C GLY D 276 10.57 15.93 -22.64
N ALA D 277 11.27 15.95 -23.78
CA ALA D 277 10.63 15.56 -25.03
C ALA D 277 10.17 14.09 -24.97
N LEU D 278 11.05 13.20 -24.54
CA LEU D 278 10.72 11.78 -24.53
C LEU D 278 9.62 11.46 -23.51
N LEU D 279 9.59 12.18 -22.38
CA LEU D 279 8.56 11.93 -21.39
C LEU D 279 7.22 12.47 -21.84
N LEU D 280 7.19 13.56 -22.61
CA LEU D 280 5.93 13.99 -23.22
C LEU D 280 5.43 12.93 -24.20
N ALA D 281 6.33 12.38 -25.01
CA ALA D 281 5.92 11.31 -25.92
C ALA D 281 5.42 10.08 -25.16
N CYS D 282 6.07 9.75 -24.04
CA CYS D 282 5.68 8.59 -23.25
C CYS D 282 4.33 8.82 -22.56
N ILE D 283 4.08 10.05 -22.09
CA ILE D 283 2.78 10.37 -21.52
C ILE D 283 1.70 10.21 -22.57
N SER D 284 1.96 10.69 -23.79
CA SER D 284 0.98 10.54 -24.86
C SER D 284 0.71 9.06 -25.16
N PHE D 285 1.76 8.25 -25.22
CA PHE D 285 1.58 6.83 -25.49
C PHE D 285 0.82 6.13 -24.37
N ASP D 286 1.12 6.48 -23.12
CA ASP D 286 0.41 5.87 -22.00
C ASP D 286 -1.06 6.24 -22.00
N ARG D 287 -1.38 7.50 -22.31
CA ARG D 287 -2.77 7.89 -22.44
C ARG D 287 -3.47 7.15 -23.57
N TYR D 288 -2.75 6.94 -24.69
CA TYR D 288 -3.31 6.16 -25.78
C TYR D 288 -3.62 4.74 -25.33
N LEU D 289 -2.70 4.11 -24.59
CA LEU D 289 -2.95 2.76 -24.10
C LEU D 289 -4.12 2.72 -23.13
N ASN D 290 -4.26 3.75 -22.29
CA ASN D 290 -5.34 3.78 -21.32
C ASN D 290 -6.70 3.97 -21.98
N ILE D 291 -6.77 4.79 -23.02
CA ILE D 291 -8.07 5.17 -23.58
C ILE D 291 -8.48 4.27 -24.73
N VAL D 292 -7.58 3.97 -25.66
CA VAL D 292 -7.96 3.19 -26.83
C VAL D 292 -8.03 1.71 -26.48
N HIS D 293 -6.94 1.17 -25.93
CA HIS D 293 -6.91 -0.24 -25.51
C HIS D 293 -7.23 -0.36 -24.02
N ALA D 294 -8.42 0.12 -23.65
CA ALA D 294 -8.79 0.16 -22.24
C ALA D 294 -8.97 -1.24 -21.68
N THR D 295 -9.74 -2.10 -22.36
CA THR D 295 -10.06 -3.41 -21.83
C THR D 295 -8.84 -4.32 -21.82
N GLN D 296 -8.11 -4.38 -22.94
CA GLN D 296 -6.96 -5.27 -23.03
C GLN D 296 -5.90 -4.90 -21.99
N LEU D 297 -5.63 -3.60 -21.83
CA LEU D 297 -4.70 -3.19 -20.79
C LEU D 297 -5.28 -3.44 -19.41
N TYR D 298 -6.60 -3.37 -19.26
CA TYR D 298 -7.22 -3.66 -17.97
C TYR D 298 -6.96 -5.09 -17.53
N ARG D 299 -7.08 -6.04 -18.46
CA ARG D 299 -6.95 -7.44 -18.11
C ARG D 299 -5.61 -8.05 -18.49
N ARG D 300 -4.72 -7.29 -19.15
CA ARG D 300 -3.43 -7.83 -19.56
C ARG D 300 -2.31 -6.81 -19.37
N GLY D 301 -2.46 -5.89 -18.42
CA GLY D 301 -1.51 -4.82 -18.25
C GLY D 301 -0.30 -5.22 -17.43
N PRO D 302 0.89 -5.11 -18.03
CA PRO D 302 2.13 -5.41 -17.31
C PRO D 302 2.30 -4.46 -16.13
N PRO D 303 2.83 -4.95 -15.00
CA PRO D 303 2.92 -4.11 -13.81
C PRO D 303 4.19 -3.26 -13.76
N ALA D 304 5.26 -3.69 -14.41
CA ALA D 304 6.57 -3.08 -14.27
C ALA D 304 7.05 -2.45 -15.57
N ARG D 305 6.12 -2.06 -16.44
CA ARG D 305 6.50 -1.39 -17.68
C ARG D 305 6.78 0.09 -17.50
N VAL D 306 6.19 0.73 -16.49
CA VAL D 306 6.39 2.15 -16.28
C VAL D 306 7.83 2.45 -15.88
N THR D 307 8.35 1.69 -14.91
CA THR D 307 9.72 1.89 -14.47
C THR D 307 10.70 1.55 -15.59
N LEU D 308 10.41 0.50 -16.36
CA LEU D 308 11.26 0.16 -17.50
C LEU D 308 11.29 1.30 -18.51
N THR D 309 10.14 1.87 -18.81
CA THR D 309 10.09 2.97 -19.78
C THR D 309 10.85 4.18 -19.26
N CYS D 310 10.69 4.52 -17.98
CA CYS D 310 11.40 5.67 -17.43
C CYS D 310 12.90 5.46 -17.43
N LEU D 311 13.35 4.26 -17.05
CA LEU D 311 14.78 3.99 -17.05
C LEU D 311 15.35 4.00 -18.46
N ALA D 312 14.62 3.45 -19.43
CA ALA D 312 15.07 3.50 -20.82
C ALA D 312 15.18 4.93 -21.30
N VAL D 313 14.19 5.77 -20.95
CA VAL D 313 14.22 7.17 -21.35
C VAL D 313 15.46 7.86 -20.79
N TRP D 314 15.71 7.68 -19.49
CA TRP D 314 16.85 8.35 -18.87
C TRP D 314 18.18 7.84 -19.43
N GLY D 315 18.29 6.53 -19.66
CA GLY D 315 19.52 6.00 -20.23
C GLY D 315 19.76 6.50 -21.64
N LEU D 316 18.72 6.55 -22.46
CA LEU D 316 18.87 7.09 -23.81
C LEU D 316 19.24 8.57 -23.77
N CYS D 317 18.68 9.31 -22.81
CA CYS D 317 19.06 10.71 -22.67
C CYS D 317 20.53 10.86 -22.31
N LEU D 318 21.03 10.00 -21.42
CA LEU D 318 22.44 10.03 -21.09
C LEU D 318 23.30 9.70 -22.30
N LEU D 319 22.89 8.69 -23.08
CA LEU D 319 23.65 8.32 -24.27
C LEU D 319 23.64 9.45 -25.29
N PHE D 320 22.55 10.22 -25.36
CA PHE D 320 22.50 11.35 -26.27
C PHE D 320 23.37 12.50 -25.78
N ALA D 321 23.43 12.71 -24.47
CA ALA D 321 24.21 13.80 -23.91
C ALA D 321 25.69 13.49 -23.80
N LEU D 322 26.09 12.23 -23.98
CA LEU D 322 27.50 11.87 -23.89
C LEU D 322 28.44 12.70 -24.77
N PRO D 323 28.16 12.89 -26.08
CA PRO D 323 29.08 13.74 -26.87
C PRO D 323 29.19 15.15 -26.33
N ASP D 324 28.07 15.73 -25.91
CA ASP D 324 28.13 16.99 -25.17
C ASP D 324 28.89 16.83 -23.87
N PHE D 325 28.74 15.68 -23.21
CA PHE D 325 29.33 15.49 -21.90
C PHE D 325 30.84 15.42 -21.97
N ILE D 326 31.41 15.09 -23.12
CA ILE D 326 32.86 14.94 -23.24
C ILE D 326 33.51 16.01 -24.11
N PHE D 327 32.86 16.50 -25.17
CA PHE D 327 33.48 17.48 -26.05
C PHE D 327 33.37 18.92 -25.56
N LEU D 328 32.62 19.17 -24.49
CA LEU D 328 32.44 20.55 -24.02
C LEU D 328 33.75 21.11 -23.47
N SER D 329 33.87 22.44 -23.53
CA SER D 329 35.01 23.14 -22.99
C SER D 329 34.69 24.62 -22.87
N ALA D 330 35.33 25.28 -21.92
CA ALA D 330 35.22 26.73 -21.74
C ALA D 330 36.29 27.37 -22.61
N HIS D 331 35.94 27.71 -23.84
CA HIS D 331 36.90 28.20 -24.81
C HIS D 331 36.85 29.71 -24.89
N HIS D 332 38.03 30.34 -24.96
CA HIS D 332 38.13 31.78 -25.16
C HIS D 332 38.00 32.06 -26.65
N ASP D 333 36.88 32.63 -27.06
CA ASP D 333 36.56 32.78 -28.48
C ASP D 333 37.32 33.96 -29.05
N GLU D 334 38.28 33.70 -29.93
CA GLU D 334 39.02 34.77 -30.57
C GLU D 334 38.13 35.57 -31.51
N ARG D 335 37.22 34.91 -32.23
CA ARG D 335 36.23 35.63 -33.01
C ARG D 335 35.41 36.58 -32.14
N LEU D 336 35.13 36.17 -30.91
CA LEU D 336 34.46 37.02 -29.94
C LEU D 336 35.51 37.75 -29.10
N ASN D 337 35.06 38.40 -28.04
CA ASN D 337 35.95 39.12 -27.13
C ASN D 337 35.73 38.65 -25.70
N ALA D 338 35.51 37.36 -25.52
CA ALA D 338 35.23 36.79 -24.20
C ALA D 338 35.45 35.28 -24.26
N THR D 339 35.08 34.61 -23.18
CA THR D 339 35.15 33.16 -23.07
C THR D 339 33.75 32.60 -22.87
N HIS D 340 33.45 31.52 -23.58
CA HIS D 340 32.13 30.92 -23.50
C HIS D 340 32.26 29.40 -23.44
N CYS D 341 31.23 28.78 -22.87
CA CYS D 341 31.16 27.33 -22.76
C CYS D 341 30.57 26.79 -24.05
N GLN D 342 31.39 26.12 -24.86
CA GLN D 342 30.95 25.64 -26.16
C GLN D 342 31.64 24.32 -26.47
N TYR D 343 31.52 23.87 -27.71
CA TYR D 343 31.92 22.53 -28.10
C TYR D 343 33.31 22.56 -28.76
N ASN D 344 33.85 21.37 -29.04
CA ASN D 344 35.18 21.24 -29.61
C ASN D 344 35.24 20.54 -30.96
N PHE D 345 34.22 19.79 -31.34
CA PHE D 345 34.20 19.16 -32.65
C PHE D 345 33.92 20.19 -33.75
N PRO D 346 34.34 19.89 -34.99
CA PRO D 346 34.17 20.85 -36.09
C PRO D 346 32.72 21.09 -36.49
N GLN D 347 32.51 21.91 -37.52
CA GLN D 347 31.17 22.32 -37.89
C GLN D 347 30.36 21.20 -38.51
N VAL D 348 31.00 20.18 -39.10
CA VAL D 348 30.25 19.03 -39.59
C VAL D 348 29.65 18.26 -38.41
N GLY D 349 30.40 18.13 -37.33
CA GLY D 349 29.83 17.59 -36.11
C GLY D 349 28.70 18.45 -35.58
N ARG D 350 28.83 19.77 -35.74
CA ARG D 350 27.76 20.67 -35.32
C ARG D 350 26.48 20.40 -36.12
N THR D 351 26.61 20.22 -37.43
CA THR D 351 25.46 19.88 -38.26
C THR D 351 24.86 18.55 -37.82
N ALA D 352 25.70 17.55 -37.57
CA ALA D 352 25.19 16.25 -37.15
C ALA D 352 24.46 16.34 -35.81
N LEU D 353 25.03 17.09 -34.85
CA LEU D 353 24.41 17.18 -33.53
C LEU D 353 23.12 17.98 -33.58
N ARG D 354 23.07 19.04 -34.39
CA ARG D 354 21.82 19.77 -34.55
C ARG D 354 20.75 18.92 -35.21
N VAL D 355 21.14 18.10 -36.20
CA VAL D 355 20.17 17.21 -36.84
C VAL D 355 19.64 16.21 -35.84
N LEU D 356 20.52 15.62 -35.02
CA LEU D 356 20.07 14.68 -34.01
C LEU D 356 19.15 15.34 -32.99
N GLN D 357 19.51 16.55 -32.54
CA GLN D 357 18.65 17.27 -31.61
C GLN D 357 17.28 17.50 -32.22
N LEU D 358 17.24 18.02 -33.45
CA LEU D 358 15.97 18.30 -34.11
C LEU D 358 15.13 17.04 -34.22
N VAL D 359 15.70 15.97 -34.76
CA VAL D 359 14.94 14.73 -34.95
C VAL D 359 14.42 14.23 -33.61
N ALA D 360 15.33 13.85 -32.71
CA ALA D 360 14.95 13.16 -31.49
C ALA D 360 14.29 14.05 -30.46
N GLY D 361 14.20 15.36 -30.70
CA GLY D 361 13.53 16.21 -29.74
C GLY D 361 12.27 16.86 -30.27
N PHE D 362 12.08 16.85 -31.59
CA PHE D 362 10.86 17.40 -32.16
C PHE D 362 10.07 16.39 -32.99
N LEU D 363 10.72 15.68 -33.91
CA LEU D 363 9.97 14.93 -34.92
C LEU D 363 9.34 13.68 -34.32
N LEU D 364 10.15 12.80 -33.75
CA LEU D 364 9.61 11.57 -33.16
C LEU D 364 8.61 11.85 -32.04
N PRO D 365 8.89 12.72 -31.07
CA PRO D 365 7.84 13.05 -30.09
C PRO D 365 6.58 13.61 -30.72
N LEU D 366 6.72 14.49 -31.72
CA LEU D 366 5.53 15.06 -32.35
C LEU D 366 4.74 14.00 -33.11
N LEU D 367 5.43 13.09 -33.80
CA LEU D 367 4.72 12.05 -34.52
C LEU D 367 3.98 11.12 -33.58
N VAL D 368 4.63 10.71 -32.48
CA VAL D 368 3.97 9.83 -31.52
C VAL D 368 2.78 10.54 -30.89
N MET D 369 2.95 11.80 -30.50
CA MET D 369 1.84 12.54 -29.90
C MET D 369 0.69 12.68 -30.90
N ALA D 370 0.99 13.01 -32.15
CA ALA D 370 -0.06 13.20 -33.15
C ALA D 370 -0.83 11.91 -33.37
N TYR D 371 -0.13 10.79 -33.53
CA TYR D 371 -0.79 9.52 -33.75
C TYR D 371 -1.67 9.13 -32.57
N CYS D 372 -1.08 9.13 -31.36
CA CYS D 372 -1.81 8.68 -30.18
C CYS D 372 -3.00 9.58 -29.90
N TYR D 373 -2.82 10.90 -29.99
CA TYR D 373 -3.92 11.80 -29.68
C TYR D 373 -4.96 11.84 -30.79
N ALA D 374 -4.60 11.55 -32.03
CA ALA D 374 -5.61 11.39 -33.07
C ALA D 374 -6.50 10.20 -32.78
N HIS D 375 -5.91 9.07 -32.39
CA HIS D 375 -6.74 7.92 -32.04
C HIS D 375 -7.58 8.19 -30.79
N ILE D 376 -7.01 8.87 -29.80
CA ILE D 376 -7.77 9.23 -28.61
C ILE D 376 -8.95 10.13 -28.97
N LEU D 377 -8.73 11.09 -29.87
CA LEU D 377 -9.79 11.98 -30.30
C LEU D 377 -10.89 11.23 -31.02
N ALA D 378 -10.51 10.27 -31.88
CA ALA D 378 -11.51 9.47 -32.57
C ALA D 378 -12.37 8.68 -31.58
N VAL D 379 -11.72 8.03 -30.61
CA VAL D 379 -12.45 7.25 -29.62
C VAL D 379 -13.38 8.14 -28.80
N LEU D 380 -12.90 9.31 -28.39
CA LEU D 380 -13.71 10.21 -27.60
C LEU D 380 -14.85 10.82 -28.41
N LEU D 381 -14.68 10.94 -29.73
CA LEU D 381 -15.76 11.44 -30.57
C LEU D 381 -16.85 10.39 -30.75
N VAL D 382 -16.46 9.13 -30.90
CA VAL D 382 -17.46 8.07 -31.09
C VAL D 382 -18.34 7.91 -29.86
N SER D 383 -17.73 7.91 -28.67
CA SER D 383 -18.45 7.61 -27.43
C SER D 383 -19.39 8.76 -27.08
N ARG D 384 -20.11 8.58 -25.97
CA ARG D 384 -21.06 9.57 -25.47
C ARG D 384 -20.78 9.83 -23.99
N GLY D 385 -21.18 11.01 -23.54
CA GLY D 385 -20.97 11.38 -22.15
C GLY D 385 -20.92 12.89 -22.00
N GLN D 386 -20.30 13.32 -20.90
CA GLN D 386 -20.20 14.73 -20.57
C GLN D 386 -18.78 15.21 -20.28
N ARG D 387 -17.88 14.33 -19.84
CA ARG D 387 -16.49 14.69 -19.66
C ARG D 387 -15.66 14.51 -20.92
N ARG D 388 -16.22 13.87 -21.95
CA ARG D 388 -15.49 13.69 -23.20
C ARG D 388 -15.21 15.02 -23.88
N LEU D 389 -16.09 16.02 -23.70
CA LEU D 389 -15.83 17.34 -24.27
C LEU D 389 -14.58 17.95 -23.66
N ARG D 390 -14.50 17.94 -22.33
CA ARG D 390 -13.31 18.49 -21.66
C ARG D 390 -12.07 17.69 -22.01
N ALA D 391 -12.20 16.38 -22.16
CA ALA D 391 -11.06 15.56 -22.54
C ALA D 391 -10.55 15.93 -23.92
N MET D 392 -11.46 16.10 -24.89
CA MET D 392 -11.03 16.48 -26.23
C MET D 392 -10.40 17.86 -26.23
N ARG D 393 -10.99 18.80 -25.47
CA ARG D 393 -10.42 20.14 -25.38
C ARG D 393 -9.00 20.09 -24.82
N LEU D 394 -8.80 19.32 -23.76
CA LEU D 394 -7.46 19.22 -23.17
C LEU D 394 -6.47 18.58 -24.12
N VAL D 395 -6.90 17.56 -24.86
CA VAL D 395 -5.99 16.91 -25.82
C VAL D 395 -5.54 17.91 -26.88
N VAL D 396 -6.51 18.65 -27.44
CA VAL D 396 -6.16 19.62 -28.49
C VAL D 396 -5.26 20.71 -27.92
N VAL D 397 -5.55 21.18 -26.71
CA VAL D 397 -4.72 22.23 -26.11
C VAL D 397 -3.30 21.73 -25.91
N VAL D 398 -3.14 20.48 -25.45
CA VAL D 398 -1.79 19.93 -25.23
C VAL D 398 -1.02 19.89 -26.54
N VAL D 399 -1.64 19.33 -27.59
CA VAL D 399 -0.93 19.19 -28.85
C VAL D 399 -0.55 20.56 -29.42
N VAL D 400 -1.50 21.50 -29.41
CA VAL D 400 -1.24 22.83 -29.96
C VAL D 400 -0.17 23.54 -29.15
N ALA D 401 -0.22 23.42 -27.82
CA ALA D 401 0.78 24.08 -26.98
C ALA D 401 2.17 23.57 -27.28
N PHE D 402 2.34 22.25 -27.36
CA PHE D 402 3.67 21.72 -27.66
C PHE D 402 4.15 22.16 -29.03
N ALA D 403 3.27 22.07 -30.04
CA ALA D 403 3.69 22.44 -31.39
C ALA D 403 4.09 23.91 -31.46
N LEU D 404 3.24 24.80 -30.96
CA LEU D 404 3.53 26.22 -31.02
C LEU D 404 4.78 26.57 -30.23
N CYS D 405 4.97 25.94 -29.07
CA CYS D 405 6.10 26.30 -28.24
C CYS D 405 7.42 25.85 -28.83
N TRP D 406 7.48 24.62 -29.36
CA TRP D 406 8.76 24.05 -29.77
C TRP D 406 8.98 24.03 -31.27
N THR D 407 8.08 24.57 -32.07
CA THR D 407 8.27 24.58 -33.51
C THR D 407 9.19 25.71 -34.00
N PRO D 408 8.97 26.96 -33.59
CA PRO D 408 9.79 28.06 -34.15
C PRO D 408 11.28 27.89 -33.92
N TYR D 409 11.69 27.38 -32.76
CA TYR D 409 13.11 27.21 -32.51
C TYR D 409 13.72 26.22 -33.49
N HIS D 410 13.01 25.13 -33.78
CA HIS D 410 13.55 24.15 -34.72
C HIS D 410 13.56 24.68 -36.15
N LEU D 411 12.57 25.50 -36.53
CA LEU D 411 12.70 26.16 -37.84
C LEU D 411 13.89 27.10 -37.89
N VAL D 412 14.14 27.85 -36.82
CA VAL D 412 15.30 28.76 -36.84
C VAL D 412 16.59 27.95 -36.94
N VAL D 413 16.68 26.84 -36.20
CA VAL D 413 17.86 25.99 -36.26
C VAL D 413 18.04 25.41 -37.66
N LEU D 414 16.93 24.97 -38.28
CA LEU D 414 17.02 24.42 -39.62
C LEU D 414 17.45 25.47 -40.63
N VAL D 415 16.95 26.70 -40.48
CA VAL D 415 17.39 27.79 -41.35
C VAL D 415 18.88 28.06 -41.18
N ASP D 416 19.36 28.03 -39.93
CA ASP D 416 20.78 28.22 -39.69
C ASP D 416 21.60 27.12 -40.35
N ILE D 417 21.16 25.88 -40.21
CA ILE D 417 21.87 24.75 -40.82
C ILE D 417 21.93 24.91 -42.34
N LEU D 418 20.77 25.20 -42.96
CA LEU D 418 20.72 25.31 -44.41
C LEU D 418 21.56 26.49 -44.89
N MET D 419 21.44 27.65 -44.24
CA MET D 419 22.23 28.80 -44.63
C MET D 419 23.72 28.54 -44.43
N ASP D 420 24.04 27.58 -43.55
CA ASP D 420 25.45 27.20 -43.38
C ASP D 420 25.92 26.45 -44.64
N LEU D 421 25.04 25.62 -45.21
CA LEU D 421 25.40 24.82 -46.38
C LEU D 421 24.55 25.15 -47.61
N GLY D 422 23.23 25.01 -47.51
CA GLY D 422 22.38 25.05 -48.70
C GLY D 422 22.11 26.41 -49.29
N ALA D 423 21.37 27.26 -48.58
CA ALA D 423 20.94 28.57 -49.08
C ALA D 423 21.88 29.62 -48.50
N LEU D 424 22.92 29.96 -49.26
CA LEU D 424 24.01 30.77 -48.71
C LEU D 424 23.53 32.13 -48.25
N ALA D 425 23.10 32.99 -49.18
CA ALA D 425 22.52 34.29 -48.88
C ALA D 425 23.28 35.03 -47.78
N ARG D 426 24.59 34.84 -47.73
CA ARG D 426 25.37 35.17 -46.55
C ARG D 426 25.60 36.67 -46.47
N ASN D 427 24.98 37.31 -45.48
CA ASN D 427 25.18 38.74 -45.22
C ASN D 427 24.81 39.01 -43.77
N CYS D 428 25.07 40.25 -43.33
CA CYS D 428 24.87 40.60 -41.93
C CYS D 428 23.41 40.46 -41.52
N GLY D 429 22.49 40.86 -42.40
CA GLY D 429 21.07 40.83 -42.03
C GLY D 429 20.60 39.43 -41.69
N ARG D 430 20.96 38.45 -42.52
CA ARG D 430 20.59 37.07 -42.25
C ARG D 430 21.12 36.61 -40.90
N GLU D 431 22.39 36.89 -40.61
CA GLU D 431 22.99 36.43 -39.37
C GLU D 431 22.32 37.07 -38.17
N SER D 432 22.12 38.39 -38.20
CA SER D 432 21.49 39.07 -37.08
C SER D 432 20.08 38.57 -36.85
N ARG D 433 19.30 38.44 -37.93
CA ARG D 433 17.92 37.97 -37.80
C ARG D 433 17.87 36.56 -37.26
N VAL D 434 18.73 35.67 -37.78
CA VAL D 434 18.68 34.28 -37.33
C VAL D 434 19.12 34.18 -35.89
N ASP D 435 20.07 35.01 -35.45
CA ASP D 435 20.51 34.93 -34.07
C ASP D 435 19.43 35.42 -33.11
N VAL D 436 18.82 36.57 -33.42
CA VAL D 436 17.78 37.07 -32.51
C VAL D 436 16.59 36.12 -32.50
N ALA D 437 16.25 35.54 -33.65
CA ALA D 437 15.19 34.55 -33.69
C ALA D 437 15.53 33.34 -32.85
N LYS D 438 16.78 32.87 -32.92
CA LYS D 438 17.19 31.73 -32.11
C LYS D 438 17.08 32.04 -30.63
N SER D 439 17.47 33.25 -30.22
CA SER D 439 17.37 33.62 -28.82
C SER D 439 15.92 33.65 -28.34
N VAL D 440 15.05 34.32 -29.09
CA VAL D 440 13.66 34.45 -28.63
C VAL D 440 12.96 33.10 -28.65
N THR D 441 13.27 32.26 -29.65
CA THR D 441 12.63 30.95 -29.70
C THR D 441 13.15 30.01 -28.63
N SER D 442 14.43 30.12 -28.25
CA SER D 442 14.93 29.37 -27.10
C SER D 442 14.22 29.83 -25.83
N GLY D 443 13.97 31.13 -25.71
CA GLY D 443 13.14 31.61 -24.61
C GLY D 443 11.76 30.98 -24.62
N LEU D 444 11.16 30.85 -25.81
CA LEU D 444 9.85 30.19 -25.92
C LEU D 444 9.91 28.75 -25.45
N GLY D 445 10.94 28.02 -25.87
CA GLY D 445 11.07 26.64 -25.43
C GLY D 445 11.22 26.51 -23.92
N TYR D 446 12.06 27.37 -23.34
CA TYR D 446 12.18 27.37 -21.88
C TYR D 446 10.86 27.71 -21.22
N MET D 447 10.09 28.61 -21.81
CA MET D 447 8.78 28.95 -21.27
C MET D 447 7.86 27.74 -21.28
N HIS D 448 7.90 26.95 -22.35
CA HIS D 448 7.11 25.71 -22.37
C HIS D 448 7.56 24.75 -21.29
N CYS D 449 8.89 24.62 -21.10
CA CYS D 449 9.38 23.73 -20.06
C CYS D 449 8.93 24.18 -18.67
N CYS D 450 8.83 25.48 -18.45
CA CYS D 450 8.32 25.99 -17.17
C CYS D 450 6.80 25.87 -17.06
N LEU D 451 6.09 25.86 -18.19
CA LEU D 451 4.64 25.90 -18.21
C LEU D 451 4.00 24.52 -18.28
N ASN D 452 4.78 23.47 -18.54
CA ASN D 452 4.24 22.11 -18.59
C ASN D 452 3.40 21.73 -17.37
N PRO D 453 3.80 22.02 -16.12
CA PRO D 453 2.94 21.64 -14.99
C PRO D 453 1.53 22.22 -15.05
N LEU D 454 1.38 23.43 -15.60
CA LEU D 454 0.07 24.08 -15.60
C LEU D 454 -0.94 23.26 -16.38
N LEU D 455 -0.56 22.75 -17.55
CA LEU D 455 -1.48 22.01 -18.40
C LEU D 455 -1.30 20.50 -18.33
N TYR D 456 -0.39 19.99 -17.50
CA TYR D 456 -0.29 18.56 -17.30
C TYR D 456 -0.66 18.09 -15.90
N ALA D 457 -0.69 18.98 -14.91
CA ALA D 457 -0.97 18.58 -13.53
C ALA D 457 -2.19 19.27 -12.97
N PHE D 458 -2.30 20.59 -13.12
CA PHE D 458 -3.36 21.35 -12.46
C PHE D 458 -4.69 21.32 -13.20
N VAL D 459 -4.74 20.74 -14.40
CA VAL D 459 -6.01 20.60 -15.12
C VAL D 459 -6.73 19.32 -14.79
N GLY D 460 -6.11 18.42 -14.03
CA GLY D 460 -6.74 17.18 -13.62
C GLY D 460 -7.28 17.31 -12.20
N VAL D 461 -8.55 16.90 -12.04
CA VAL D 461 -9.20 17.07 -10.74
C VAL D 461 -8.53 16.20 -9.69
N LYS D 462 -8.02 15.02 -10.06
CA LYS D 462 -7.38 14.15 -9.08
C LYS D 462 -6.16 14.80 -8.46
N PHE D 463 -5.33 15.44 -9.29
CA PHE D 463 -4.14 16.10 -8.77
C PHE D 463 -4.52 17.27 -7.86
N ARG D 464 -5.57 18.01 -8.22
CA ARG D 464 -5.99 19.13 -7.37
C ARG D 464 -6.51 18.63 -6.03
N GLU D 465 -7.27 17.52 -6.02
CA GLU D 465 -7.72 16.96 -4.76
C GLU D 465 -6.55 16.49 -3.91
N ARG D 466 -5.56 15.84 -4.53
CA ARG D 466 -4.38 15.42 -3.78
C ARG D 466 -3.63 16.63 -3.21
N MET D 467 -3.51 17.69 -4.01
CA MET D 467 -2.83 18.90 -3.56
C MET D 467 -3.56 19.55 -2.39
N TRP D 468 -4.90 19.62 -2.46
CA TRP D 468 -5.64 20.19 -1.35
C TRP D 468 -5.55 19.32 -0.10
N MET D 469 -5.59 18.00 -0.27
CA MET D 469 -5.43 17.10 0.87
C MET D 469 -4.07 17.27 1.52
N LEU D 470 -3.05 17.60 0.72
CA LEU D 470 -1.74 17.90 1.30
C LEU D 470 -1.73 19.26 1.97
N LEU D 471 -2.41 20.25 1.37
CA LEU D 471 -2.25 21.63 1.82
C LEU D 471 -3.12 21.94 3.03
N LEU D 472 -4.45 21.84 2.87
CA LEU D 472 -5.35 22.21 3.96
C LEU D 472 -5.22 21.28 5.15
N ARG D 473 -5.24 19.97 4.90
CA ARG D 473 -5.26 19.02 6.01
C ARG D 473 -3.91 18.98 6.72
N LEU D 474 -2.86 19.44 6.07
CA LEU D 474 -1.55 19.55 6.70
C LEU D 474 -1.01 20.97 6.60
N PHE E 22 19.16 27.48 -26.83
CA PHE E 22 20.33 26.69 -26.48
C PHE E 22 21.57 27.57 -26.40
N PRO E 23 22.19 27.63 -25.22
CA PRO E 23 23.33 28.52 -25.03
C PRO E 23 24.69 27.92 -25.35
N MET E 24 24.78 26.61 -25.58
CA MET E 24 26.06 25.96 -25.87
C MET E 24 26.43 26.04 -27.34
N PHE E 25 25.49 26.43 -28.19
CA PHE E 25 25.72 26.42 -29.63
C PHE E 25 26.13 27.78 -30.18
N LYS E 26 26.32 28.78 -29.31
CA LYS E 26 26.84 30.06 -29.78
C LYS E 26 28.28 29.88 -30.27
N ARG E 27 28.53 30.40 -31.46
CA ARG E 27 29.86 30.18 -32.05
C ARG E 27 30.27 31.41 -32.84
N GLY E 28 31.58 31.59 -33.03
CA GLY E 28 32.11 32.70 -33.78
C GLY E 28 32.07 32.43 -35.28
N ARG E 29 31.08 33.01 -35.96
CA ARG E 29 30.96 32.81 -37.39
C ARG E 29 32.11 33.50 -38.13
N CYS E 30 32.31 33.09 -39.38
CA CYS E 30 33.35 33.67 -40.22
C CYS E 30 33.12 35.17 -40.34
N LEU E 31 34.01 35.97 -39.74
CA LEU E 31 33.79 37.41 -39.72
C LEU E 31 33.86 38.00 -41.12
N CYS E 32 34.91 37.68 -41.86
CA CYS E 32 35.08 38.19 -43.21
C CYS E 32 34.39 37.25 -44.21
N ILE E 33 33.44 37.80 -44.95
CA ILE E 33 32.70 37.04 -45.96
C ILE E 33 33.31 37.37 -47.32
N GLY E 34 33.83 36.36 -48.00
CA GLY E 34 34.52 36.57 -49.25
C GLY E 34 36.00 36.83 -49.04
N PRO E 35 36.78 36.74 -50.11
CA PRO E 35 38.23 36.95 -49.99
C PRO E 35 38.55 38.39 -49.62
N GLY E 36 39.70 38.56 -48.97
CA GLY E 36 40.14 39.88 -48.57
C GLY E 36 40.35 40.79 -49.75
N VAL E 37 40.15 42.08 -49.52
CA VAL E 37 40.15 43.09 -50.56
C VAL E 37 41.56 43.63 -50.75
N LYS E 38 41.89 44.01 -51.99
CA LYS E 38 43.19 44.56 -52.34
C LYS E 38 43.24 46.07 -52.18
N ALA E 39 42.15 46.71 -51.73
CA ALA E 39 42.17 48.15 -51.51
C ALA E 39 43.02 48.48 -50.29
N VAL E 40 44.32 48.25 -50.39
CA VAL E 40 45.25 48.42 -49.28
C VAL E 40 45.99 49.74 -49.47
N LYS E 41 46.01 50.56 -48.42
CA LYS E 41 46.75 51.80 -48.43
C LYS E 41 47.65 51.83 -47.20
N VAL E 42 48.90 52.25 -47.39
CA VAL E 42 49.93 52.16 -46.35
C VAL E 42 49.70 53.22 -45.28
N ALA E 43 50.42 53.08 -44.16
CA ALA E 43 50.34 54.03 -43.04
C ALA E 43 48.91 54.13 -42.50
N ASP E 44 48.25 52.99 -42.35
CA ASP E 44 46.94 52.92 -41.73
C ASP E 44 46.92 51.98 -40.52
N ILE E 45 48.07 51.75 -39.89
CA ILE E 45 48.17 50.79 -38.79
C ILE E 45 47.71 51.48 -37.52
N GLU E 46 46.41 51.39 -37.23
CA GLU E 46 45.88 51.77 -35.93
C GLU E 46 45.44 50.57 -35.10
N LYS E 47 44.87 49.55 -35.74
CA LYS E 47 44.70 48.25 -35.11
C LYS E 47 44.73 47.19 -36.20
N ALA E 48 45.44 46.11 -35.92
CA ALA E 48 45.57 44.98 -36.84
C ALA E 48 45.55 43.70 -36.04
N SER E 49 44.58 42.84 -36.32
CA SER E 49 44.43 41.56 -35.63
C SER E 49 44.76 40.42 -36.59
N ILE E 50 45.68 39.57 -36.19
CA ILE E 50 46.12 38.41 -36.94
C ILE E 50 45.69 37.21 -36.11
N MET E 51 44.63 36.50 -36.51
CA MET E 51 44.09 35.48 -35.62
C MET E 51 43.96 34.14 -36.32
N TYR E 52 44.22 33.08 -35.55
CA TYR E 52 44.37 31.71 -36.04
C TYR E 52 43.05 31.17 -36.56
N PRO E 53 43.09 30.11 -37.37
CA PRO E 53 41.85 29.40 -37.70
C PRO E 53 41.27 28.74 -36.46
N SER E 54 39.99 28.95 -36.24
CA SER E 54 39.30 28.43 -35.07
C SER E 54 38.70 27.05 -35.39
N ASN E 55 38.03 26.48 -34.41
CA ASN E 55 37.37 25.19 -34.61
C ASN E 55 36.07 25.31 -35.38
N ASN E 56 35.46 26.50 -35.41
CA ASN E 56 34.22 26.73 -36.14
C ASN E 56 34.46 27.22 -37.57
N CYS E 57 35.17 28.34 -37.72
CA CYS E 57 35.57 28.84 -39.03
C CYS E 57 37.07 28.61 -39.16
N ASP E 58 37.45 27.66 -40.01
CA ASP E 58 38.84 27.21 -40.10
C ASP E 58 39.58 27.97 -41.21
N LYS E 59 39.93 29.22 -40.90
CA LYS E 59 40.76 30.02 -41.80
C LYS E 59 41.35 31.18 -41.01
N ILE E 60 42.68 31.21 -40.91
CA ILE E 60 43.37 32.34 -40.28
C ILE E 60 42.99 33.62 -41.00
N GLU E 61 42.60 34.64 -40.23
CA GLU E 61 42.15 35.87 -40.86
C GLU E 61 42.86 37.08 -40.29
N VAL E 62 42.92 38.12 -41.12
CA VAL E 62 43.70 39.33 -40.89
C VAL E 62 42.76 40.51 -41.06
N ILE E 63 42.60 41.30 -40.00
CA ILE E 63 41.81 42.52 -40.05
C ILE E 63 42.72 43.71 -39.79
N ILE E 64 42.55 44.77 -40.57
CA ILE E 64 43.30 46.01 -40.36
C ILE E 64 42.32 47.17 -40.49
N THR E 65 42.38 48.10 -39.53
CA THR E 65 41.48 49.24 -39.58
C THR E 65 42.03 50.34 -40.48
N LEU E 66 41.19 51.32 -40.75
CA LEU E 66 41.54 52.53 -41.47
C LEU E 66 41.60 53.70 -40.49
N LYS E 67 41.89 54.89 -41.03
CA LYS E 67 41.89 56.08 -40.20
C LYS E 67 40.47 56.40 -39.73
N GLU E 68 40.39 57.07 -38.58
CA GLU E 68 39.16 57.47 -37.90
C GLU E 68 38.18 56.33 -37.69
N ASN E 69 38.63 55.08 -37.82
CA ASN E 69 37.79 53.89 -37.65
C ASN E 69 36.58 53.93 -38.58
N LYS E 70 36.75 54.49 -39.77
CA LYS E 70 35.68 54.53 -40.76
C LYS E 70 35.49 53.21 -41.47
N GLY E 71 36.36 52.23 -41.23
CA GLY E 71 36.23 50.92 -41.83
C GLY E 71 37.36 49.99 -41.48
N GLN E 72 37.04 48.74 -41.18
CA GLN E 72 38.01 47.70 -40.88
C GLN E 72 37.95 46.66 -41.99
N ARG E 73 39.03 46.54 -42.76
CA ARG E 73 39.04 45.71 -43.95
C ARG E 73 39.92 44.49 -43.73
N CYS E 74 39.49 43.37 -44.30
CA CYS E 74 40.20 42.10 -44.17
C CYS E 74 41.24 41.96 -45.28
N LEU E 75 42.37 41.36 -44.94
CA LEU E 75 43.45 41.10 -45.89
C LEU E 75 43.54 39.61 -46.14
N ASN E 76 43.35 39.21 -47.40
CA ASN E 76 43.41 37.81 -47.75
C ASN E 76 44.85 37.31 -47.70
N PRO E 77 45.07 36.08 -47.22
CA PRO E 77 46.43 35.53 -47.19
C PRO E 77 47.02 35.27 -48.57
N LYS E 78 46.20 35.29 -49.62
CA LYS E 78 46.72 35.10 -50.97
C LYS E 78 47.74 36.16 -51.33
N SER E 79 47.57 37.38 -50.83
CA SER E 79 48.53 38.44 -51.10
C SER E 79 49.79 38.25 -50.27
N LYS E 80 50.91 38.72 -50.80
CA LYS E 80 52.20 38.45 -50.18
C LYS E 80 52.35 39.16 -48.83
N GLN E 81 51.88 40.40 -48.73
CA GLN E 81 52.07 41.16 -47.49
C GLN E 81 51.33 40.51 -46.34
N ALA E 82 50.18 39.88 -46.60
CA ALA E 82 49.50 39.13 -45.57
C ALA E 82 50.36 37.96 -45.10
N ARG E 83 51.00 37.26 -46.05
CA ARG E 83 51.91 36.18 -45.68
C ARG E 83 53.04 36.69 -44.80
N LEU E 84 53.64 37.82 -45.18
CA LEU E 84 54.75 38.38 -44.41
C LEU E 84 54.29 38.76 -43.00
N ILE E 85 53.15 39.45 -42.89
CA ILE E 85 52.70 39.91 -41.60
C ILE E 85 52.34 38.73 -40.70
N ILE E 86 51.67 37.71 -41.25
CA ILE E 86 51.28 36.58 -40.40
C ILE E 86 52.51 35.80 -39.97
N LYS E 87 53.51 35.64 -40.86
CA LYS E 87 54.68 34.88 -40.46
C LYS E 87 55.48 35.62 -39.39
N LYS E 88 55.63 36.94 -39.51
CA LYS E 88 56.40 37.63 -38.47
C LYS E 88 55.62 37.73 -37.17
N VAL E 89 54.29 37.83 -37.22
CA VAL E 89 53.50 37.80 -35.98
C VAL E 89 53.62 36.44 -35.31
N GLU E 90 53.51 35.35 -36.09
CA GLU E 90 53.56 34.03 -35.50
C GLU E 90 54.96 33.68 -34.98
N ARG E 91 56.00 34.27 -35.58
CA ARG E 91 57.35 34.00 -35.11
C ARG E 91 57.78 34.93 -33.97
N LYS E 92 57.18 36.11 -33.87
CA LYS E 92 57.60 37.11 -32.88
C LYS E 92 56.78 37.06 -31.61
N ASN E 93 55.46 37.26 -31.71
CA ASN E 93 54.64 37.49 -30.54
C ASN E 93 54.50 36.26 -29.65
N PHE E 94 54.62 35.06 -30.21
CA PHE E 94 54.43 33.85 -29.42
C PHE E 94 55.74 33.40 -28.78
N VAL F 2 3.41 -36.41 8.60
CA VAL F 2 4.69 -35.77 8.30
C VAL F 2 5.84 -36.76 8.39
N GLN F 3 6.63 -36.84 7.32
CA GLN F 3 7.79 -37.71 7.30
C GLN F 3 8.76 -37.28 6.22
N LEU F 4 10.04 -37.44 6.51
CA LEU F 4 11.14 -37.20 5.59
C LEU F 4 11.80 -38.54 5.32
N VAL F 5 11.98 -38.89 4.04
CA VAL F 5 12.52 -40.19 3.65
C VAL F 5 13.74 -39.96 2.78
N GLU F 6 14.85 -40.60 3.12
CA GLU F 6 16.12 -40.38 2.46
C GLU F 6 16.47 -41.54 1.53
N SER F 7 17.17 -41.24 0.46
CA SER F 7 17.61 -42.26 -0.49
C SER F 7 18.88 -41.79 -1.17
N GLY F 8 19.67 -42.75 -1.66
CA GLY F 8 20.89 -42.46 -2.38
C GLY F 8 22.17 -42.90 -1.70
N GLY F 9 22.10 -43.62 -0.59
CA GLY F 9 23.29 -44.07 0.08
C GLY F 9 23.91 -45.30 -0.57
N GLY F 10 25.08 -45.68 -0.07
CA GLY F 10 25.77 -46.84 -0.57
C GLY F 10 27.27 -46.63 -0.54
N LEU F 11 27.97 -47.56 -1.19
CA LEU F 11 29.43 -47.59 -1.21
C LEU F 11 29.94 -46.87 -2.46
N VAL F 12 30.94 -46.01 -2.28
CA VAL F 12 31.45 -45.17 -3.36
C VAL F 12 32.97 -45.14 -3.29
N GLN F 13 33.62 -45.19 -4.45
CA GLN F 13 35.07 -45.02 -4.50
C GLN F 13 35.44 -43.55 -4.30
N PRO F 14 36.62 -43.28 -3.75
CA PRO F 14 37.04 -41.89 -3.55
C PRO F 14 37.11 -41.15 -4.88
N GLY F 15 36.78 -39.87 -4.85
CA GLY F 15 36.77 -39.05 -6.03
C GLY F 15 35.52 -39.13 -6.87
N GLY F 16 34.57 -40.00 -6.52
CA GLY F 16 33.34 -40.15 -7.27
C GLY F 16 32.36 -39.01 -7.03
N SER F 17 31.08 -39.32 -7.21
CA SER F 17 30.03 -38.32 -7.02
C SER F 17 28.71 -39.03 -6.78
N ARG F 18 27.88 -38.43 -5.93
CA ARG F 18 26.57 -38.97 -5.62
C ARG F 18 25.56 -37.84 -5.50
N LYS F 19 24.29 -38.22 -5.43
CA LYS F 19 23.20 -37.27 -5.23
C LYS F 19 22.20 -37.91 -4.26
N LEU F 20 22.15 -37.38 -3.05
CA LEU F 20 21.20 -37.83 -2.05
C LEU F 20 19.87 -37.11 -2.23
N SER F 21 18.77 -37.84 -2.05
CA SER F 21 17.43 -37.30 -2.21
C SER F 21 16.67 -37.44 -0.90
N CYS F 22 15.84 -36.44 -0.62
CA CYS F 22 15.05 -36.36 0.60
C CYS F 22 13.62 -36.00 0.19
N SER F 23 12.72 -36.97 0.28
CA SER F 23 11.32 -36.80 -0.10
C SER F 23 10.50 -36.49 1.15
N ALA F 24 9.73 -35.41 1.08
CA ALA F 24 8.97 -34.92 2.22
C ALA F 24 7.48 -35.07 1.95
N SER F 25 6.75 -35.66 2.91
CA SER F 25 5.32 -35.80 2.75
C SER F 25 4.61 -35.46 4.04
N GLY F 26 3.47 -34.78 3.93
CA GLY F 26 2.65 -34.48 5.09
C GLY F 26 2.77 -33.08 5.64
N PHE F 27 3.52 -32.18 5.00
CA PHE F 27 3.61 -30.81 5.47
C PHE F 27 3.90 -29.91 4.27
N ALA F 28 3.73 -28.61 4.50
CA ALA F 28 3.97 -27.61 3.45
C ALA F 28 5.46 -27.45 3.20
N PHE F 29 5.99 -28.22 2.24
CA PHE F 29 7.43 -28.25 2.01
C PHE F 29 7.97 -26.88 1.59
N SER F 30 7.15 -26.05 0.95
CA SER F 30 7.64 -24.78 0.43
C SER F 30 7.91 -23.76 1.53
N SER F 31 7.34 -23.93 2.71
CA SER F 31 7.44 -22.95 3.78
C SER F 31 8.59 -23.22 4.74
N PHE F 32 9.28 -24.35 4.61
CA PHE F 32 10.30 -24.77 5.55
C PHE F 32 11.68 -24.68 4.91
N GLY F 33 12.61 -24.03 5.60
CA GLY F 33 14.01 -24.18 5.24
C GLY F 33 14.48 -25.58 5.55
N MET F 34 15.52 -26.02 4.83
CA MET F 34 15.95 -27.41 4.94
C MET F 34 17.45 -27.49 5.20
N HIS F 35 17.83 -28.42 6.07
CA HIS F 35 19.20 -28.65 6.46
C HIS F 35 19.59 -30.08 6.15
N TRP F 36 20.83 -30.26 5.72
CA TRP F 36 21.49 -31.56 5.69
C TRP F 36 22.49 -31.59 6.83
N VAL F 37 22.35 -32.60 7.70
CA VAL F 37 23.24 -32.81 8.84
C VAL F 37 23.92 -34.16 8.66
N ARG F 38 25.13 -34.28 9.19
CA ARG F 38 25.95 -35.47 9.02
C ARG F 38 26.33 -36.03 10.38
N GLN F 39 26.34 -37.35 10.49
CA GLN F 39 26.83 -38.03 11.69
C GLN F 39 27.80 -39.12 11.27
N ALA F 40 29.08 -38.92 11.59
CA ALA F 40 30.09 -39.92 11.31
C ALA F 40 29.88 -41.14 12.19
N PRO F 41 30.34 -42.31 11.75
CA PRO F 41 30.13 -43.53 12.56
C PRO F 41 30.77 -43.39 13.93
N GLU F 42 29.94 -43.58 14.97
CA GLU F 42 30.35 -43.46 16.37
C GLU F 42 30.92 -42.09 16.70
N LYS F 43 30.40 -41.04 16.09
CA LYS F 43 30.83 -39.67 16.35
C LYS F 43 29.63 -38.76 16.48
N GLY F 44 29.89 -37.50 16.78
CA GLY F 44 28.85 -36.52 17.00
C GLY F 44 28.25 -36.01 15.70
N LEU F 45 27.18 -35.22 15.85
CA LEU F 45 26.52 -34.62 14.71
C LEU F 45 27.37 -33.49 14.14
N GLU F 46 27.20 -33.23 12.84
CA GLU F 46 27.95 -32.18 12.18
C GLU F 46 27.11 -31.58 11.07
N TRP F 47 26.81 -30.29 11.18
CA TRP F 47 25.99 -29.60 10.19
C TRP F 47 26.72 -29.57 8.85
N VAL F 48 25.95 -29.67 7.76
CA VAL F 48 26.55 -29.76 6.44
C VAL F 48 26.03 -28.65 5.53
N ALA F 49 24.72 -28.53 5.36
CA ALA F 49 24.21 -27.57 4.40
C ALA F 49 22.84 -27.06 4.81
N TYR F 50 22.49 -25.89 4.26
CA TYR F 50 21.19 -25.27 4.53
C TYR F 50 20.71 -24.55 3.28
N ILE F 51 19.45 -24.75 2.92
CA ILE F 51 18.81 -24.02 1.84
C ILE F 51 17.53 -23.38 2.37
N SER F 52 17.34 -22.11 2.05
CA SER F 52 16.22 -21.32 2.58
C SER F 52 14.91 -21.74 1.93
N SER F 53 13.83 -21.09 2.32
CA SER F 53 12.55 -21.26 1.65
C SER F 53 12.49 -20.34 0.45
N GLY F 54 12.08 -20.86 -0.69
CA GLY F 54 12.22 -20.14 -1.93
C GLY F 54 13.62 -20.15 -2.50
N SER F 55 14.52 -20.96 -1.94
CA SER F 55 15.89 -21.12 -2.43
C SER F 55 16.66 -19.80 -2.40
N GLY F 56 16.27 -18.88 -1.53
CA GLY F 56 16.90 -17.58 -1.45
C GLY F 56 18.35 -17.63 -1.00
N THR F 57 18.59 -18.10 0.22
CA THR F 57 19.93 -18.16 0.79
C THR F 57 20.37 -19.61 0.94
N ILE F 58 21.66 -19.84 0.69
CA ILE F 58 22.26 -21.17 0.80
C ILE F 58 23.54 -21.05 1.61
N TYR F 59 23.71 -21.95 2.58
CA TYR F 59 24.90 -21.96 3.42
C TYR F 59 25.51 -23.36 3.41
N TYR F 60 26.84 -23.41 3.43
CA TYR F 60 27.57 -24.66 3.48
C TYR F 60 28.57 -24.63 4.62
N ALA F 61 28.91 -25.82 5.12
CA ALA F 61 29.99 -25.92 6.10
C ALA F 61 31.32 -25.65 5.42
N ASP F 62 32.30 -25.23 6.23
CA ASP F 62 33.62 -24.93 5.68
C ASP F 62 34.28 -26.17 5.10
N THR F 63 34.09 -27.33 5.73
CA THR F 63 34.76 -28.55 5.30
C THR F 63 34.10 -29.21 4.10
N VAL F 64 32.92 -28.77 3.69
CA VAL F 64 32.23 -29.33 2.52
C VAL F 64 31.94 -28.28 1.47
N LYS F 65 32.44 -27.06 1.62
CA LYS F 65 32.13 -26.00 0.68
C LYS F 65 32.90 -26.19 -0.62
N GLY F 66 32.21 -26.07 -1.74
CA GLY F 66 32.84 -26.15 -3.04
C GLY F 66 32.55 -27.46 -3.76
N ARG F 67 32.60 -28.58 -3.05
CA ARG F 67 32.35 -29.88 -3.64
C ARG F 67 30.96 -30.42 -3.33
N PHE F 68 30.14 -29.66 -2.61
CA PHE F 68 28.76 -30.04 -2.33
C PHE F 68 27.82 -28.97 -2.88
N THR F 69 26.59 -29.37 -3.18
CA THR F 69 25.58 -28.43 -3.66
C THR F 69 24.21 -28.89 -3.19
N ILE F 70 23.53 -28.04 -2.42
CA ILE F 70 22.18 -28.34 -1.95
C ILE F 70 21.18 -27.63 -2.85
N SER F 71 20.05 -28.27 -3.09
CA SER F 71 19.00 -27.68 -3.90
C SER F 71 17.67 -28.30 -3.50
N ARG F 72 16.58 -27.65 -3.90
CA ARG F 72 15.25 -28.16 -3.63
C ARG F 72 14.40 -28.04 -4.88
N ASP F 73 13.47 -28.97 -5.04
CA ASP F 73 12.46 -28.94 -6.10
C ASP F 73 11.12 -29.03 -5.41
N ASP F 74 10.41 -27.90 -5.35
CA ASP F 74 9.21 -27.74 -4.55
C ASP F 74 7.97 -28.38 -5.20
N PRO F 75 7.78 -28.30 -6.52
CA PRO F 75 6.65 -29.02 -7.13
C PRO F 75 6.59 -30.50 -6.80
N LYS F 76 7.75 -31.17 -6.73
CA LYS F 76 7.79 -32.58 -6.39
C LYS F 76 8.13 -32.83 -4.92
N ASN F 77 8.36 -31.78 -4.14
CA ASN F 77 8.64 -31.89 -2.71
C ASN F 77 9.88 -32.76 -2.46
N THR F 78 11.01 -32.36 -3.04
CA THR F 78 12.23 -33.13 -2.91
C THR F 78 13.40 -32.20 -2.62
N LEU F 79 14.37 -32.71 -1.87
CA LEU F 79 15.58 -31.97 -1.52
C LEU F 79 16.78 -32.80 -1.94
N PHE F 80 17.66 -32.21 -2.75
CA PHE F 80 18.83 -32.90 -3.29
C PHE F 80 20.12 -32.35 -2.70
N LEU F 81 21.05 -33.26 -2.41
CA LEU F 81 22.42 -32.90 -2.09
C LEU F 81 23.32 -33.60 -3.11
N GLN F 82 23.86 -32.82 -4.05
CA GLN F 82 24.78 -33.33 -5.04
C GLN F 82 26.20 -33.14 -4.53
N MET F 83 26.86 -34.24 -4.20
CA MET F 83 28.20 -34.19 -3.61
C MET F 83 29.20 -34.80 -4.57
N THR F 84 30.35 -34.16 -4.68
CA THR F 84 31.42 -34.57 -5.59
C THR F 84 32.75 -34.57 -4.85
N SER F 85 33.75 -35.17 -5.49
CA SER F 85 35.10 -35.26 -4.93
C SER F 85 35.08 -35.90 -3.54
N LEU F 86 34.34 -36.99 -3.41
CA LEU F 86 34.15 -37.63 -2.11
C LEU F 86 35.46 -38.13 -1.54
N ARG F 87 35.77 -37.69 -0.33
CA ARG F 87 36.95 -38.12 0.39
C ARG F 87 36.59 -39.30 1.27
N SER F 88 37.57 -39.81 2.02
CA SER F 88 37.32 -40.89 2.96
C SER F 88 36.76 -40.41 4.29
N GLU F 89 36.65 -39.09 4.49
CA GLU F 89 36.08 -38.52 5.70
C GLU F 89 34.61 -38.19 5.55
N ASP F 90 34.00 -38.49 4.40
CA ASP F 90 32.59 -38.23 4.17
C ASP F 90 31.72 -39.46 4.41
N THR F 91 32.29 -40.57 4.87
CA THR F 91 31.50 -41.74 5.22
C THR F 91 30.75 -41.46 6.52
N ALA F 92 29.42 -41.54 6.46
CA ALA F 92 28.58 -41.12 7.57
C ALA F 92 27.13 -41.48 7.27
N MET F 93 26.23 -41.00 8.12
CA MET F 93 24.80 -41.02 7.87
C MET F 93 24.31 -39.59 7.73
N TYR F 94 23.47 -39.35 6.73
CA TYR F 94 22.98 -38.01 6.41
C TYR F 94 21.51 -37.91 6.79
N TYR F 95 21.19 -36.87 7.56
CA TYR F 95 19.84 -36.58 8.00
C TYR F 95 19.32 -35.31 7.32
N CYS F 96 18.02 -35.30 7.07
CA CYS F 96 17.31 -34.20 6.42
C CYS F 96 16.39 -33.58 7.45
N VAL F 97 16.57 -32.29 7.72
CA VAL F 97 15.91 -31.63 8.85
C VAL F 97 15.15 -30.41 8.33
N ARG F 98 13.90 -30.28 8.74
CA ARG F 98 13.11 -29.11 8.41
C ARG F 98 13.25 -28.06 9.52
N SER F 99 13.14 -26.79 9.15
CA SER F 99 13.25 -25.71 10.11
C SER F 99 12.57 -24.48 9.54
N ILE F 100 11.53 -24.00 10.22
CA ILE F 100 10.79 -22.82 9.80
C ILE F 100 11.06 -21.71 10.82
N TYR F 101 11.28 -20.50 10.32
CA TYR F 101 11.67 -19.36 11.15
C TYR F 101 10.62 -18.26 11.04
N TYR F 102 9.95 -17.98 12.15
CA TYR F 102 9.23 -16.74 12.36
C TYR F 102 9.30 -16.43 13.85
N TYR F 103 8.46 -15.52 14.33
CA TYR F 103 8.48 -15.17 15.74
C TYR F 103 7.79 -16.27 16.54
N GLY F 104 8.55 -16.94 17.41
CA GLY F 104 8.00 -18.00 18.24
C GLY F 104 7.98 -19.36 17.63
N SER F 105 8.69 -19.58 16.52
CA SER F 105 8.70 -20.89 15.89
C SER F 105 9.70 -21.80 16.58
N SER F 106 9.73 -23.07 16.15
CA SER F 106 10.63 -24.08 16.69
C SER F 106 11.36 -24.75 15.53
N PRO F 107 12.50 -24.20 15.11
CA PRO F 107 13.28 -24.85 14.06
C PRO F 107 13.89 -26.17 14.54
N PHE F 108 14.21 -27.01 13.55
CA PHE F 108 14.88 -28.30 13.78
C PHE F 108 13.97 -29.29 14.49
N ASP F 109 12.66 -29.16 14.32
CA ASP F 109 11.74 -29.98 15.11
C ASP F 109 11.64 -31.40 14.58
N PHE F 110 11.73 -31.60 13.27
CA PHE F 110 11.57 -32.92 12.68
C PHE F 110 12.82 -33.33 11.92
N TRP F 111 13.28 -34.55 12.16
CA TRP F 111 14.46 -35.11 11.52
C TRP F 111 14.07 -36.33 10.70
N GLY F 112 14.68 -36.49 9.53
CA GLY F 112 14.47 -37.67 8.73
C GLY F 112 15.18 -38.87 9.30
N GLN F 113 15.03 -40.01 8.62
CA GLN F 113 15.64 -41.25 9.08
C GLN F 113 17.12 -41.31 8.77
N GLY F 114 17.56 -40.70 7.68
CA GLY F 114 18.97 -40.71 7.34
C GLY F 114 19.33 -41.81 6.38
N THR F 115 20.28 -41.51 5.48
CA THR F 115 20.79 -42.47 4.54
C THR F 115 22.31 -42.59 4.73
N THR F 116 22.81 -43.82 4.64
CA THR F 116 24.21 -44.09 4.92
C THR F 116 25.02 -44.02 3.64
N LEU F 117 26.11 -43.25 3.66
CA LEU F 117 27.03 -43.16 2.54
C LEU F 117 28.43 -43.50 3.02
N THR F 118 29.04 -44.49 2.37
CA THR F 118 30.35 -44.99 2.76
C THR F 118 31.32 -44.80 1.60
N VAL F 119 32.54 -44.39 1.93
CA VAL F 119 33.60 -44.21 0.95
C VAL F 119 34.78 -45.08 1.36
N SER F 120 35.26 -45.91 0.43
CA SER F 120 36.38 -46.79 0.72
C SER F 120 37.68 -46.00 0.80
N SER F 121 38.73 -46.69 1.22
CA SER F 121 40.06 -46.08 1.34
C SER F 121 40.63 -45.74 -0.04
N SER F 136 33.47 -21.94 11.87
CA SER F 136 33.21 -22.60 13.14
C SER F 136 33.86 -21.85 14.29
N ASP F 137 33.68 -20.52 14.30
CA ASP F 137 34.31 -19.70 15.32
C ASP F 137 33.73 -19.89 16.70
N ILE F 138 32.59 -20.56 16.82
CA ILE F 138 32.00 -20.90 18.11
C ILE F 138 32.18 -22.40 18.32
N VAL F 139 32.93 -22.77 19.35
CA VAL F 139 33.11 -24.16 19.74
C VAL F 139 32.38 -24.38 21.05
N MET F 140 31.62 -25.48 21.12
CA MET F 140 30.79 -25.78 22.28
C MET F 140 31.22 -27.12 22.84
N THR F 141 31.51 -27.15 24.14
CA THR F 141 32.11 -28.31 24.79
C THR F 141 31.15 -28.91 25.79
N GLN F 142 30.90 -30.21 25.66
CA GLN F 142 30.18 -31.00 26.66
C GLN F 142 31.23 -31.91 27.31
N ALA F 143 31.80 -31.42 28.42
CA ALA F 143 32.94 -32.11 29.03
C ALA F 143 32.57 -33.52 29.46
N THR F 144 31.41 -33.69 30.07
CA THR F 144 30.96 -35.02 30.46
C THR F 144 30.63 -35.84 29.22
N SER F 145 31.04 -37.11 29.22
CA SER F 145 30.81 -37.99 28.09
C SER F 145 29.83 -39.12 28.40
N SER F 146 29.76 -39.58 29.64
CA SER F 146 28.83 -40.64 30.02
C SER F 146 28.38 -40.42 31.46
N VAL F 147 27.16 -40.85 31.75
CA VAL F 147 26.57 -40.71 33.08
C VAL F 147 25.79 -41.98 33.42
N PRO F 148 26.06 -42.62 34.56
CA PRO F 148 25.27 -43.77 34.98
C PRO F 148 24.08 -43.33 35.82
N VAL F 149 22.88 -43.77 35.44
CA VAL F 149 21.65 -43.29 36.05
C VAL F 149 20.74 -44.47 36.40
N THR F 150 19.78 -44.19 37.27
CA THR F 150 18.69 -45.09 37.61
C THR F 150 17.38 -44.35 37.42
N PRO F 151 16.32 -45.05 36.99
CA PRO F 151 15.05 -44.38 36.64
C PRO F 151 14.24 -43.91 37.85
N GLY F 152 14.91 -43.23 38.77
CA GLY F 152 14.21 -42.63 39.89
C GLY F 152 14.78 -41.31 40.37
N GLU F 153 15.77 -40.77 39.65
CA GLU F 153 16.45 -39.57 40.12
C GLU F 153 16.36 -38.43 39.11
N SER F 154 17.07 -37.34 39.38
CA SER F 154 17.12 -36.18 38.50
C SER F 154 18.55 -36.01 37.98
N VAL F 155 18.67 -35.74 36.68
CA VAL F 155 19.96 -35.67 36.01
C VAL F 155 20.15 -34.27 35.42
N SER F 156 21.37 -33.76 35.54
CA SER F 156 21.74 -32.45 35.00
C SER F 156 22.86 -32.64 33.99
N ILE F 157 22.67 -32.09 32.80
CA ILE F 157 23.66 -32.14 31.72
C ILE F 157 24.08 -30.71 31.42
N SER F 158 25.38 -30.45 31.47
CA SER F 158 25.91 -29.11 31.33
C SER F 158 26.55 -28.91 29.97
N CYS F 159 26.28 -27.77 29.36
CA CYS F 159 26.89 -27.38 28.09
C CYS F 159 27.53 -26.01 28.25
N ARG F 160 28.64 -25.80 27.55
CA ARG F 160 29.40 -24.56 27.65
C ARG F 160 29.77 -24.08 26.26
N SER F 161 29.79 -22.77 26.09
CA SER F 161 30.06 -22.13 24.81
C SER F 161 31.33 -21.31 24.89
N SER F 162 31.90 -21.03 23.72
CA SER F 162 33.04 -20.13 23.63
C SER F 162 32.64 -18.69 23.42
N LYS F 163 31.34 -18.43 23.19
CA LYS F 163 30.83 -17.09 22.99
C LYS F 163 29.50 -16.96 23.72
N SER F 164 29.15 -15.71 24.04
CA SER F 164 27.87 -15.44 24.69
C SER F 164 26.74 -15.66 23.68
N LEU F 165 25.97 -16.73 23.88
CA LEU F 165 24.86 -17.03 22.99
C LEU F 165 23.70 -16.06 23.16
N LEU F 166 23.70 -15.25 24.21
CA LEU F 166 22.64 -14.28 24.41
C LEU F 166 22.79 -13.14 23.41
N HIS F 167 21.70 -12.79 22.73
CA HIS F 167 21.70 -11.74 21.73
C HIS F 167 21.11 -10.46 22.30
N SER F 168 21.29 -9.37 21.56
CA SER F 168 20.85 -8.06 22.03
C SER F 168 19.33 -7.94 22.11
N ASN F 169 18.60 -8.89 21.51
CA ASN F 169 17.14 -8.87 21.56
C ASN F 169 16.58 -9.77 22.65
N GLY F 170 17.41 -10.21 23.59
CA GLY F 170 16.94 -10.97 24.72
C GLY F 170 16.79 -12.46 24.48
N ASN F 171 17.22 -12.96 23.32
CA ASN F 171 17.05 -14.36 22.95
C ASN F 171 18.39 -15.07 23.05
N THR F 172 18.42 -16.17 23.80
CA THR F 172 19.59 -17.04 23.87
C THR F 172 19.36 -18.22 22.95
N TYR F 173 20.25 -18.40 21.97
CA TYR F 173 20.04 -19.35 20.88
C TYR F 173 20.79 -20.64 21.19
N LEU F 174 20.18 -21.47 22.04
CA LEU F 174 20.70 -22.79 22.34
C LEU F 174 19.59 -23.82 22.20
N TYR F 175 19.90 -24.94 21.54
CA TYR F 175 18.94 -26.00 21.28
C TYR F 175 19.46 -27.30 21.86
N TRP F 176 18.57 -28.08 22.47
CA TRP F 176 18.90 -29.37 23.04
C TRP F 176 18.17 -30.46 22.27
N PHE F 177 18.94 -31.40 21.73
CA PHE F 177 18.43 -32.55 20.98
C PHE F 177 18.77 -33.85 21.70
N LEU F 178 17.92 -34.85 21.51
CA LEU F 178 18.10 -36.18 22.09
C LEU F 178 18.08 -37.23 20.99
N GLN F 179 19.09 -38.10 21.00
CA GLN F 179 19.17 -39.21 20.05
C GLN F 179 19.13 -40.51 20.81
N ARG F 180 18.06 -41.27 20.61
CA ARG F 180 17.93 -42.59 21.21
C ARG F 180 18.69 -43.62 20.39
N PRO F 181 19.08 -44.74 20.99
CA PRO F 181 19.83 -45.75 20.24
C PRO F 181 19.03 -46.30 19.06
N GLY F 182 19.63 -46.23 17.88
CA GLY F 182 19.01 -46.76 16.68
C GLY F 182 18.01 -45.84 16.01
N GLN F 183 17.90 -44.59 16.44
CA GLN F 183 16.94 -43.64 15.89
C GLN F 183 17.67 -42.36 15.50
N SER F 184 16.87 -41.36 15.09
CA SER F 184 17.27 -40.02 14.69
C SER F 184 17.01 -39.03 15.81
N PRO F 185 17.85 -38.01 15.95
CA PRO F 185 17.67 -37.04 17.04
C PRO F 185 16.35 -36.31 16.92
N GLN F 186 15.78 -35.95 18.08
CA GLN F 186 14.54 -35.21 18.14
C GLN F 186 14.74 -33.96 18.99
N LEU F 187 14.07 -32.88 18.61
CA LEU F 187 14.17 -31.63 19.34
C LEU F 187 13.59 -31.79 20.74
N LEU F 188 14.39 -31.48 21.75
CA LEU F 188 13.91 -31.41 23.12
C LEU F 188 13.59 -29.99 23.54
N ILE F 189 14.53 -29.07 23.37
CA ILE F 189 14.37 -27.70 23.84
C ILE F 189 14.91 -26.74 22.79
N TYR F 190 14.18 -25.65 22.54
CA TYR F 190 14.65 -24.62 21.63
C TYR F 190 14.77 -23.29 22.37
N ARG F 191 15.86 -22.57 22.08
CA ARG F 191 16.17 -21.28 22.70
C ARG F 191 16.31 -21.38 24.22
N MET F 192 16.85 -22.51 24.68
CA MET F 192 17.40 -22.68 26.02
C MET F 192 16.33 -22.76 27.11
N SER F 193 15.07 -22.48 26.77
CA SER F 193 14.02 -22.51 27.79
C SER F 193 12.74 -23.19 27.36
N ASN F 194 12.44 -23.30 26.07
CA ASN F 194 11.12 -23.70 25.59
C ASN F 194 11.11 -25.18 25.26
N LEU F 195 10.11 -25.90 25.76
CA LEU F 195 9.94 -27.30 25.44
C LEU F 195 9.28 -27.46 24.09
N ALA F 196 9.79 -28.39 23.28
CA ALA F 196 9.21 -28.68 21.99
C ALA F 196 7.86 -29.35 22.15
N SER F 197 7.09 -29.36 21.06
CA SER F 197 5.78 -29.96 21.07
C SER F 197 5.89 -31.47 21.27
N GLY F 198 5.00 -32.01 22.11
CA GLY F 198 5.01 -33.43 22.40
C GLY F 198 6.22 -33.91 23.18
N VAL F 199 6.67 -33.12 24.14
CA VAL F 199 7.80 -33.47 25.00
C VAL F 199 7.30 -33.48 26.44
N PRO F 200 7.59 -34.52 27.22
CA PRO F 200 7.10 -34.58 28.60
C PRO F 200 7.61 -33.40 29.43
N ASP F 201 6.77 -32.97 30.37
CA ASP F 201 7.07 -31.79 31.18
C ASP F 201 8.29 -31.99 32.07
N ARG F 202 8.73 -33.24 32.29
CA ARG F 202 9.83 -33.49 33.20
C ARG F 202 11.13 -32.84 32.73
N PHE F 203 11.27 -32.61 31.42
CA PHE F 203 12.46 -31.94 30.92
C PHE F 203 12.39 -30.44 31.19
N SER F 204 13.55 -29.83 31.44
CA SER F 204 13.62 -28.39 31.62
C SER F 204 15.01 -27.91 31.21
N GLY F 205 15.11 -26.63 30.90
CA GLY F 205 16.37 -26.06 30.50
C GLY F 205 16.54 -24.67 31.10
N SER F 206 17.81 -24.32 31.35
CA SER F 206 18.14 -23.00 31.87
C SER F 206 19.58 -22.71 31.52
N GLY F 207 20.05 -21.54 31.93
CA GLY F 207 21.42 -21.16 31.72
C GLY F 207 21.58 -19.65 31.67
N SER F 208 22.79 -19.24 31.32
CA SER F 208 23.12 -17.81 31.23
C SER F 208 24.30 -17.65 30.28
N GLY F 209 24.03 -17.09 29.11
CA GLY F 209 25.07 -16.49 28.29
C GLY F 209 26.08 -17.47 27.74
N THR F 210 26.76 -18.17 28.64
CA THR F 210 27.86 -19.06 28.28
C THR F 210 27.77 -20.42 28.95
N ALA F 211 26.98 -20.58 30.01
CA ALA F 211 26.86 -21.86 30.69
C ALA F 211 25.39 -22.24 30.76
N PHE F 212 25.04 -23.42 30.24
CA PHE F 212 23.66 -23.85 30.15
C PHE F 212 23.50 -25.24 30.74
N THR F 213 22.28 -25.55 31.15
CA THR F 213 21.98 -26.79 31.86
C THR F 213 20.63 -27.35 31.41
N LEU F 214 20.62 -28.65 31.16
CA LEU F 214 19.39 -29.42 30.93
C LEU F 214 19.12 -30.27 32.16
N THR F 215 17.88 -30.27 32.62
CA THR F 215 17.49 -30.96 33.84
C THR F 215 16.35 -31.93 33.55
N ILE F 216 16.50 -33.16 34.03
CA ILE F 216 15.47 -34.18 33.92
C ILE F 216 15.06 -34.55 35.34
N SER F 217 13.77 -34.41 35.65
CA SER F 217 13.31 -34.54 37.03
C SER F 217 13.26 -36.01 37.46
N ARG F 218 12.49 -36.83 36.75
CA ARG F 218 12.38 -38.24 37.07
C ARG F 218 12.48 -39.03 35.76
N LEU F 219 13.59 -39.72 35.57
CA LEU F 219 13.84 -40.43 34.33
C LEU F 219 12.97 -41.68 34.22
N GLU F 220 12.92 -42.22 33.01
CA GLU F 220 12.29 -43.51 32.74
C GLU F 220 13.19 -44.34 31.85
N ALA F 221 12.67 -45.45 31.31
CA ALA F 221 13.48 -46.29 30.45
C ALA F 221 13.77 -45.64 29.10
N GLU F 222 12.96 -44.67 28.68
CA GLU F 222 13.09 -44.04 27.37
C GLU F 222 13.83 -42.71 27.42
N ASP F 223 14.43 -42.36 28.56
CA ASP F 223 15.18 -41.12 28.68
C ASP F 223 16.67 -41.28 28.44
N VAL F 224 17.12 -42.47 28.06
CA VAL F 224 18.53 -42.73 27.85
C VAL F 224 18.88 -42.42 26.39
N GLY F 225 20.16 -42.18 26.14
CA GLY F 225 20.62 -41.85 24.81
C GLY F 225 21.67 -40.77 24.86
N VAL F 226 21.89 -40.10 23.73
CA VAL F 226 22.94 -39.10 23.60
C VAL F 226 22.28 -37.72 23.45
N TYR F 227 22.75 -36.77 24.25
CA TYR F 227 22.18 -35.43 24.30
C TYR F 227 23.16 -34.43 23.67
N TYR F 228 22.66 -33.58 22.78
CA TYR F 228 23.48 -32.61 22.08
C TYR F 228 22.95 -31.20 22.31
N CYS F 229 23.87 -30.23 22.34
CA CYS F 229 23.55 -28.82 22.51
C CYS F 229 24.09 -28.04 21.32
N MET F 230 23.20 -27.60 20.45
CA MET F 230 23.56 -26.84 19.26
C MET F 230 23.35 -25.35 19.48
N GLN F 231 24.11 -24.55 18.77
CA GLN F 231 23.95 -23.09 18.78
C GLN F 231 23.35 -22.63 17.46
N HIS F 232 22.56 -21.56 17.52
CA HIS F 232 21.96 -20.98 16.33
C HIS F 232 22.19 -19.47 16.30
N LEU F 233 23.32 -19.01 16.83
CA LEU F 233 23.64 -17.59 16.82
C LEU F 233 24.41 -17.20 15.56
N GLU F 234 25.57 -17.80 15.35
CA GLU F 234 26.32 -17.65 14.10
C GLU F 234 26.10 -18.90 13.26
N TYR F 235 26.05 -18.72 11.95
CA TYR F 235 25.39 -19.74 11.15
C TYR F 235 26.17 -21.05 10.99
N PRO F 236 27.51 -21.08 11.12
CA PRO F 236 28.20 -22.38 11.12
C PRO F 236 27.53 -23.50 11.92
N LEU F 237 26.78 -23.16 12.98
CA LEU F 237 25.92 -24.12 13.68
C LEU F 237 26.69 -25.36 14.16
N THR F 238 27.62 -25.13 15.08
CA THR F 238 28.35 -26.23 15.68
C THR F 238 27.49 -26.97 16.69
N PHE F 239 27.84 -28.23 16.96
CA PHE F 239 27.04 -29.13 17.77
C PHE F 239 27.71 -29.53 19.07
N GLY F 240 28.97 -29.96 19.04
CA GLY F 240 29.61 -30.45 20.23
C GLY F 240 29.23 -31.89 20.52
N ALA F 241 30.20 -32.71 20.95
CA ALA F 241 29.93 -34.11 21.20
C ALA F 241 28.95 -34.26 22.35
N GLY F 242 27.99 -35.18 22.19
CA GLY F 242 26.91 -35.31 23.15
C GLY F 242 27.32 -35.99 24.43
N THR F 243 26.38 -36.03 25.36
CA THR F 243 26.55 -36.71 26.64
C THR F 243 25.68 -37.97 26.64
N LYS F 244 26.27 -39.09 27.05
CA LYS F 244 25.61 -40.38 26.98
C LYS F 244 24.98 -40.71 28.33
N LEU F 245 23.72 -41.13 28.30
CA LEU F 245 23.01 -41.62 29.49
C LEU F 245 22.58 -43.05 29.22
N GLU F 246 22.93 -43.95 30.14
CA GLU F 246 22.67 -45.37 29.98
C GLU F 246 22.28 -45.96 31.34
N LEU F 247 21.89 -47.23 31.33
CA LEU F 247 21.50 -47.95 32.53
C LEU F 247 20.37 -47.24 33.28
#